data_9JJ6
#
_entry.id   9JJ6
#
_cell.length_a   1.00
_cell.length_b   1.00
_cell.length_c   1.00
_cell.angle_alpha   90.00
_cell.angle_beta   90.00
_cell.angle_gamma   90.00
#
_symmetry.space_group_name_H-M   'P 1'
#
loop_
_entity.id
_entity.type
_entity.pdbx_description
1 polymer 'BtHKU5-CoV-2-441 Spike RBD domain'
2 polymer 'Processed angiotensin-converting enzyme 2'
3 non-polymer 2-acetamido-2-deoxy-beta-D-glucopyranose
#
loop_
_entity_poly.entity_id
_entity_poly.type
_entity_poly.pdbx_seq_one_letter_code
_entity_poly.pdbx_strand_id
1 'polypeptide(L)'
;MDAMKRGLCCVLLLCGAVFVSAAKSRGKFIEQPKVQECDFSPLLTGTPPQVYNFNRLSFTNCNYNLTKLLSLFEVSEFSC
NAISPSALASTCYSSLTVDYFAFPLSMASYLRPGSTGPTAEFNYRQDFSNPTCRVLATPSSNITITKPSNYNWIRLCRTT
GAFGNRDQKVQPGHYSRCRYIAPTGSIYLGGNEGYLVSDGQSASMTERVQMTFVISVTFGTESNSVCPAAAHHHHHHHH
;
B
2 'polypeptide(L)'
;STIEEQAKTFLDKFNHEAEDLFYQSSLASWNYNTNITEENVQNMNNAGDKWSAFLKEQSTLAQMYPLQEIQNLTVKLQLQ
ALQQNGSSVLSEDKSKRLNTILNTMSTIYSTGKVCNPDNPQECLLLEPGLNEIMANSLDYNERLWAWESWRSEVGKQLRP
LYEEYVVLKNEMARANHYEDYGDYWRGDYEVNGVDGYDYSRGQLIEDVEHTFEEIKPLYEHLHAYVRAKLMNAYPSYISP
IGCLPAHLLGDMWGRFWTNLYSLTVPFGQKPNIDVTDAMVDQAWDAQRIFKEAEKFFVSVGLPNMTQGFWENSMLTDPGN
VQKAVCHPTAWDLGKGDFRILMCTKVTMDDFLTAHHEMGHIQYDMAYAAQPFLLRNGANEGFHEAVGEIMSLSAATPKHL
KSIGLLSPDFQEDNETEINFLLKQALTIVGTLPFTYMLEKWRWMVFKGEIPKDQWMKKWWEMKREIVGVVEPVPHDETYC
DPASLFHVSNDYSFIRYYTRTLYQFQFQEALCQAAKHEGPLHKCDISNSTEAGQKLFNMLRLGKSEPWTLALENVVGAKN
MNVRPLLNYFEPLFTWLKDQNKNSFVGWSTDWSPYADAAAHHHHHHHH
;
A
#
loop_
_chem_comp.id
_chem_comp.type
_chem_comp.name
_chem_comp.formula
NAG D-saccharide, beta linking 2-acetamido-2-deoxy-beta-D-glucopyranose 'C8 H15 N O6'
#
# COMPACT_ATOMS: atom_id res chain seq x y z
N ASP A 39 9.94 -41.81 -32.47
CA ASP A 39 9.49 -42.71 -31.41
C ASP A 39 9.22 -41.94 -30.12
N PHE A 40 7.95 -41.91 -29.71
CA PHE A 40 7.53 -41.20 -28.51
C PHE A 40 7.53 -42.10 -27.27
N SER A 41 8.27 -43.21 -27.31
CA SER A 41 8.34 -44.10 -26.16
C SER A 41 8.91 -43.42 -24.91
N PRO A 42 10.02 -42.69 -24.96
CA PRO A 42 10.51 -42.01 -23.75
C PRO A 42 9.51 -41.03 -23.16
N LEU A 43 8.63 -40.45 -24.00
CA LEU A 43 7.59 -39.58 -23.48
C LEU A 43 6.61 -40.34 -22.62
N LEU A 44 6.30 -41.59 -22.99
CA LEU A 44 5.33 -42.41 -22.29
C LEU A 44 5.97 -43.38 -21.30
N THR A 45 7.27 -43.65 -21.43
CA THR A 45 7.97 -44.56 -20.54
C THR A 45 8.95 -43.77 -19.69
N GLY A 46 8.88 -43.95 -18.39
CA GLY A 46 9.74 -43.26 -17.45
C GLY A 46 9.00 -42.19 -16.67
N THR A 47 9.60 -41.80 -15.55
CA THR A 47 8.98 -40.81 -14.69
C THR A 47 9.03 -39.43 -15.35
N PRO A 48 7.91 -38.74 -15.48
CA PRO A 48 7.93 -37.39 -16.06
C PRO A 48 8.72 -36.44 -15.20
N PRO A 49 9.57 -35.61 -15.81
CA PRO A 49 10.34 -34.66 -15.02
C PRO A 49 9.50 -33.49 -14.56
N GLN A 50 10.04 -32.77 -13.57
CA GLN A 50 9.40 -31.52 -13.16
C GLN A 50 9.58 -30.47 -14.26
N VAL A 51 8.76 -29.41 -14.16
CA VAL A 51 8.71 -28.42 -15.24
C VAL A 51 10.06 -27.73 -15.40
N TYR A 52 10.73 -27.41 -14.30
CA TYR A 52 12.03 -26.76 -14.39
C TYR A 52 13.09 -27.68 -15.01
N ASN A 53 12.90 -28.99 -14.92
CA ASN A 53 13.83 -29.97 -15.48
C ASN A 53 13.22 -30.69 -16.67
N PHE A 54 12.46 -29.97 -17.49
CA PHE A 54 11.76 -30.58 -18.61
C PHE A 54 12.74 -31.16 -19.62
N ASN A 55 12.37 -32.30 -20.19
CA ASN A 55 13.16 -32.96 -21.22
C ASN A 55 12.57 -32.67 -22.59
N ARG A 56 13.40 -32.21 -23.50
CA ARG A 56 12.98 -31.87 -24.85
C ARG A 56 13.35 -33.00 -25.80
N LEU A 57 12.37 -33.49 -26.55
CA LEU A 57 12.57 -34.56 -27.52
C LEU A 57 12.37 -33.97 -28.91
N SER A 58 13.44 -33.98 -29.71
CA SER A 58 13.42 -33.41 -31.06
C SER A 58 13.45 -34.54 -32.07
N PHE A 59 12.53 -34.50 -33.03
CA PHE A 59 12.42 -35.50 -34.08
C PHE A 59 12.61 -34.83 -35.43
N THR A 60 13.52 -35.37 -36.23
CA THR A 60 13.81 -34.83 -37.56
C THR A 60 13.66 -35.91 -38.63
N TYR A 64 4.96 -40.07 -38.60
CA TYR A 64 4.42 -40.06 -37.26
C TYR A 64 2.91 -40.25 -37.27
N ASN A 65 2.36 -40.69 -36.14
CA ASN A 65 0.92 -40.89 -35.97
C ASN A 65 0.52 -40.25 -34.65
N LEU A 66 0.19 -38.96 -34.68
CA LEU A 66 -0.20 -38.26 -33.47
C LEU A 66 -1.57 -38.69 -32.97
N THR A 67 -2.40 -39.26 -33.83
CA THR A 67 -3.71 -39.73 -33.39
C THR A 67 -3.58 -40.80 -32.31
N LYS A 68 -2.66 -41.75 -32.52
CA LYS A 68 -2.41 -42.78 -31.51
C LYS A 68 -1.77 -42.18 -30.26
N LEU A 69 -0.85 -41.23 -30.44
CA LEU A 69 -0.13 -40.68 -29.31
C LEU A 69 -1.05 -39.92 -28.36
N LEU A 70 -1.96 -39.12 -28.91
CA LEU A 70 -2.92 -38.39 -28.08
C LEU A 70 -4.13 -39.24 -27.70
N SER A 71 -4.27 -40.43 -28.26
CA SER A 71 -5.40 -41.29 -27.92
C SER A 71 -5.30 -41.84 -26.50
N LEU A 72 -4.09 -42.12 -26.02
CA LEU A 72 -3.89 -42.70 -24.70
C LEU A 72 -3.54 -41.66 -23.64
N PHE A 73 -3.78 -40.38 -23.91
CA PHE A 73 -3.75 -39.33 -22.91
C PHE A 73 -5.13 -38.70 -22.82
N GLU A 74 -5.57 -38.40 -21.60
CA GLU A 74 -6.83 -37.69 -21.37
C GLU A 74 -6.55 -36.20 -21.56
N VAL A 75 -6.67 -35.75 -22.81
CA VAL A 75 -6.36 -34.36 -23.14
C VAL A 75 -7.42 -33.46 -22.52
N SER A 76 -7.01 -32.60 -21.60
CA SER A 76 -7.91 -31.65 -20.97
C SER A 76 -7.99 -30.33 -21.73
N GLU A 77 -6.83 -29.79 -22.13
CA GLU A 77 -6.78 -28.56 -22.90
C GLU A 77 -5.84 -28.76 -24.08
N PHE A 78 -6.26 -28.27 -25.25
CA PHE A 78 -5.48 -28.36 -26.49
C PHE A 78 -5.43 -26.96 -27.09
N SER A 79 -4.47 -26.16 -26.64
CA SER A 79 -4.31 -24.78 -27.08
C SER A 79 -3.21 -24.72 -28.13
N CYS A 80 -3.60 -24.56 -29.39
CA CYS A 80 -2.67 -24.47 -30.50
C CYS A 80 -2.59 -23.02 -30.96
N ASN A 81 -1.37 -22.50 -31.08
CA ASN A 81 -1.13 -21.11 -31.46
C ASN A 81 -0.52 -21.09 -32.84
N ALA A 82 -1.10 -20.28 -33.73
CA ALA A 82 -0.64 -20.09 -35.11
C ALA A 82 -0.67 -21.39 -35.92
N ILE A 83 -1.48 -22.37 -35.49
CA ILE A 83 -1.61 -23.63 -36.21
C ILE A 83 -2.91 -24.27 -35.77
N SER A 84 -3.61 -24.90 -36.72
CA SER A 84 -4.86 -25.53 -36.36
C SER A 84 -4.64 -26.86 -35.65
N PRO A 85 -5.53 -27.22 -34.72
CA PRO A 85 -5.42 -28.54 -34.08
C PRO A 85 -5.67 -29.69 -35.04
N SER A 86 -6.13 -29.41 -36.26
CA SER A 86 -6.33 -30.47 -37.24
C SER A 86 -5.08 -30.71 -38.07
N ALA A 87 -4.27 -29.67 -38.27
CA ALA A 87 -3.18 -29.75 -39.24
C ALA A 87 -1.85 -30.17 -38.62
N LEU A 88 -1.77 -30.34 -37.29
CA LEU A 88 -0.48 -30.66 -36.70
C LEU A 88 -0.03 -32.08 -37.04
N ALA A 89 -0.98 -32.99 -37.26
CA ALA A 89 -0.67 -34.38 -37.58
C ALA A 89 -0.80 -34.69 -39.06
N SER A 90 -1.03 -33.69 -39.90
CA SER A 90 -1.21 -33.89 -41.34
C SER A 90 -0.40 -32.88 -42.12
N THR A 91 0.84 -32.64 -41.70
CA THR A 91 1.72 -31.70 -42.38
C THR A 91 3.16 -32.15 -42.17
N CYS A 92 3.98 -32.01 -43.21
CA CYS A 92 5.40 -32.33 -43.13
C CYS A 92 6.16 -31.15 -42.52
N TYR A 93 7.16 -31.46 -41.71
CA TYR A 93 7.89 -30.46 -40.95
C TYR A 93 9.39 -30.67 -41.11
N SER A 94 10.13 -29.56 -41.17
CA SER A 94 11.59 -29.65 -41.21
C SER A 94 12.15 -30.25 -39.93
N SER A 95 11.61 -29.83 -38.78
CA SER A 95 12.03 -30.36 -37.49
C SER A 95 10.87 -30.25 -36.52
N LEU A 96 10.70 -31.27 -35.68
CA LEU A 96 9.60 -31.34 -34.72
C LEU A 96 10.17 -31.50 -33.32
N THR A 97 9.66 -30.71 -32.39
CA THR A 97 10.09 -30.76 -31.00
C THR A 97 8.86 -30.88 -30.10
N VAL A 98 8.95 -31.76 -29.10
CA VAL A 98 7.86 -32.01 -28.15
C VAL A 98 8.47 -31.92 -26.75
N ASP A 99 8.25 -30.80 -26.07
CA ASP A 99 8.69 -30.66 -24.70
C ASP A 99 7.63 -31.20 -23.75
N TYR A 100 8.03 -32.16 -22.91
CA TYR A 100 7.10 -32.80 -21.99
C TYR A 100 7.62 -32.71 -20.56
N PHE A 101 6.72 -32.43 -19.63
CA PHE A 101 7.07 -32.34 -18.22
C PHE A 101 5.81 -32.50 -17.40
N ALA A 102 5.99 -32.77 -16.11
CA ALA A 102 4.86 -32.94 -15.20
C ALA A 102 4.50 -31.60 -14.55
N PHE A 103 3.21 -31.26 -14.58
CA PHE A 103 2.74 -30.03 -13.98
C PHE A 103 1.24 -30.15 -13.69
N PRO A 104 0.79 -29.75 -12.50
CA PRO A 104 -0.61 -29.95 -12.13
C PRO A 104 -1.55 -29.14 -13.00
N LEU A 105 -2.75 -29.69 -13.22
CA LEU A 105 -3.75 -29.01 -14.02
C LEU A 105 -4.25 -27.74 -13.35
N SER A 106 -4.39 -27.75 -12.02
CA SER A 106 -4.86 -26.57 -11.31
C SER A 106 -3.88 -25.41 -11.38
N MET A 107 -2.61 -25.67 -11.68
CA MET A 107 -1.59 -24.64 -11.80
C MET A 107 -1.28 -24.29 -13.25
N ALA A 108 -2.05 -24.83 -14.21
CA ALA A 108 -1.74 -24.63 -15.62
C ALA A 108 -1.99 -23.20 -16.08
N SER A 109 -2.72 -22.41 -15.30
CA SER A 109 -2.96 -21.02 -15.68
C SER A 109 -1.68 -20.20 -15.70
N TYR A 110 -0.65 -20.62 -14.97
CA TYR A 110 0.61 -19.91 -14.96
C TYR A 110 1.42 -20.12 -16.22
N LEU A 111 1.26 -21.27 -16.87
CA LEU A 111 1.97 -21.57 -18.11
C LEU A 111 1.25 -21.02 -19.35
N ARG A 112 0.09 -20.40 -19.17
CA ARG A 112 -0.63 -19.83 -20.30
C ARG A 112 0.14 -18.63 -20.87
N PRO A 113 -0.02 -18.35 -22.16
CA PRO A 113 0.69 -17.20 -22.75
C PRO A 113 0.28 -15.88 -22.08
N GLY A 114 1.25 -15.00 -21.93
CA GLY A 114 1.03 -13.70 -21.34
C GLY A 114 1.02 -13.67 -19.82
N SER A 115 1.18 -14.81 -19.16
CA SER A 115 1.23 -14.83 -17.71
C SER A 115 2.57 -14.27 -17.23
N THR A 116 2.54 -13.56 -16.11
CA THR A 116 3.72 -12.92 -15.55
C THR A 116 3.78 -13.17 -14.05
N GLY A 117 4.99 -13.05 -13.52
CA GLY A 117 5.21 -13.17 -12.10
C GLY A 117 5.72 -14.53 -11.69
N PRO A 118 5.62 -14.84 -10.39
CA PRO A 118 6.09 -16.14 -9.90
C PRO A 118 5.39 -17.31 -10.59
N THR A 119 6.14 -18.38 -10.80
CA THR A 119 5.65 -19.65 -11.34
C THR A 119 5.25 -19.52 -12.81
N ALA A 120 5.30 -18.30 -13.34
CA ALA A 120 4.89 -18.06 -14.72
C ALA A 120 6.06 -17.79 -15.66
N GLU A 121 7.16 -17.23 -15.16
CA GLU A 121 8.32 -16.92 -15.99
C GLU A 121 9.60 -17.53 -15.47
N PHE A 122 9.53 -18.37 -14.42
CA PHE A 122 10.72 -18.90 -13.78
C PHE A 122 10.87 -20.41 -13.93
N ASN A 123 9.93 -21.09 -14.60
CA ASN A 123 10.00 -22.53 -14.80
C ASN A 123 10.15 -22.89 -16.27
N TYR A 124 9.23 -22.43 -17.11
CA TYR A 124 9.25 -22.72 -18.54
C TYR A 124 8.50 -21.62 -19.26
N ARG A 125 8.99 -21.24 -20.44
CA ARG A 125 8.36 -20.23 -21.26
C ARG A 125 8.13 -20.78 -22.66
N GLN A 126 6.89 -20.69 -23.13
CA GLN A 126 6.55 -21.20 -24.44
C GLN A 126 7.20 -20.35 -25.53
N ASP A 127 7.72 -21.01 -26.57
CA ASP A 127 8.40 -20.36 -27.67
C ASP A 127 7.41 -20.12 -28.80
N PHE A 128 7.04 -18.86 -29.03
CA PHE A 128 6.03 -18.50 -30.01
C PHE A 128 6.63 -18.06 -31.35
N SER A 129 7.93 -18.22 -31.54
CA SER A 129 8.54 -17.86 -32.83
C SER A 129 7.95 -18.71 -33.96
N ASN A 130 7.79 -20.00 -33.73
CA ASN A 130 7.14 -20.91 -34.65
C ASN A 130 5.79 -21.35 -34.08
N PRO A 131 4.89 -21.86 -34.92
CA PRO A 131 3.58 -22.29 -34.40
C PRO A 131 3.73 -23.37 -33.34
N THR A 132 2.90 -23.28 -32.30
CA THR A 132 3.00 -24.14 -31.14
C THR A 132 1.65 -24.81 -30.86
N CYS A 133 1.71 -25.87 -30.04
CA CYS A 133 0.52 -26.54 -29.56
C CYS A 133 0.79 -27.01 -28.14
N ARG A 134 0.17 -26.34 -27.16
CA ARG A 134 0.32 -26.70 -25.75
C ARG A 134 -0.82 -27.62 -25.35
N VAL A 135 -0.47 -28.82 -24.89
CA VAL A 135 -1.44 -29.85 -24.54
C VAL A 135 -1.25 -30.19 -23.07
N LEU A 136 -2.29 -29.96 -22.27
CA LEU A 136 -2.32 -30.39 -20.89
C LEU A 136 -3.20 -31.63 -20.79
N ALA A 137 -2.57 -32.78 -20.53
CA ALA A 137 -3.27 -34.05 -20.57
C ALA A 137 -2.87 -34.90 -19.36
N THR A 138 -3.39 -36.13 -19.33
CA THR A 138 -3.18 -37.09 -18.28
C THR A 138 -3.22 -38.47 -18.93
N PRO A 139 -2.22 -39.32 -18.71
CA PRO A 139 -2.24 -40.64 -19.34
C PRO A 139 -3.42 -41.47 -18.88
N SER A 140 -3.93 -42.29 -19.81
CA SER A 140 -5.11 -43.09 -19.54
C SER A 140 -4.78 -44.23 -18.58
N SER A 141 -5.85 -44.82 -18.02
CA SER A 141 -5.69 -45.88 -17.03
C SER A 141 -5.02 -47.12 -17.63
N ASN A 142 -5.39 -47.47 -18.87
CA ASN A 142 -4.86 -48.68 -19.48
C ASN A 142 -3.36 -48.60 -19.74
N ILE A 143 -2.79 -47.40 -19.75
CA ILE A 143 -1.36 -47.22 -19.91
C ILE A 143 -0.74 -46.91 -18.56
N THR A 144 0.42 -47.48 -18.30
CA THR A 144 1.11 -47.33 -17.02
C THR A 144 2.18 -46.26 -17.13
N ILE A 145 2.16 -45.31 -16.19
CA ILE A 145 3.13 -44.23 -16.14
C ILE A 145 3.72 -44.17 -14.73
N THR A 146 5.00 -43.87 -14.66
CA THR A 146 5.67 -43.75 -13.37
C THR A 146 5.18 -42.50 -12.65
N LYS A 147 5.00 -42.63 -11.34
CA LYS A 147 4.45 -41.54 -10.53
C LYS A 147 5.53 -40.94 -9.65
N PRO A 148 5.92 -39.68 -9.87
CA PRO A 148 6.94 -39.06 -8.99
C PRO A 148 6.41 -38.78 -7.60
N SER A 149 7.25 -38.21 -6.74
CA SER A 149 6.84 -37.94 -5.37
C SER A 149 5.71 -36.91 -5.32
N ASN A 150 5.89 -35.79 -5.98
CA ASN A 150 4.89 -34.73 -6.01
C ASN A 150 5.20 -33.80 -7.18
N TYR A 151 4.50 -32.67 -7.23
CA TYR A 151 4.74 -31.64 -8.24
C TYR A 151 5.66 -30.58 -7.64
N ASN A 152 6.78 -30.32 -8.30
CA ASN A 152 7.77 -29.36 -7.84
C ASN A 152 8.06 -28.36 -8.96
N TRP A 153 8.13 -27.08 -8.59
CA TRP A 153 8.46 -26.05 -9.55
C TRP A 153 9.15 -24.90 -8.81
N ILE A 154 9.89 -24.10 -9.58
CA ILE A 154 10.55 -22.91 -9.04
C ILE A 154 9.51 -21.79 -9.00
N ARG A 155 9.08 -21.42 -7.80
CA ARG A 155 8.19 -20.28 -7.67
C ARG A 155 8.89 -18.99 -8.09
N LEU A 156 10.15 -18.83 -7.71
CA LEU A 156 10.89 -17.61 -8.03
C LEU A 156 12.38 -17.91 -7.94
N CYS A 157 13.10 -17.67 -9.04
CA CYS A 157 14.55 -17.80 -9.09
C CYS A 157 15.12 -16.41 -9.36
N ARG A 158 15.50 -15.71 -8.29
CA ARG A 158 16.06 -14.37 -8.39
C ARG A 158 17.50 -14.40 -7.89
N THR A 159 18.18 -13.26 -8.05
CA THR A 159 19.56 -13.09 -7.59
C THR A 159 19.58 -11.93 -6.60
N THR A 160 19.65 -12.27 -5.32
CA THR A 160 19.63 -11.27 -4.26
C THR A 160 21.05 -10.94 -3.82
N GLY A 161 21.18 -9.77 -3.18
CA GLY A 161 22.48 -9.32 -2.76
C GLY A 161 22.40 -7.92 -2.18
N ALA A 162 23.56 -7.28 -2.08
CA ALA A 162 23.63 -5.94 -1.50
C ALA A 162 23.06 -4.87 -2.43
N PHE A 163 22.91 -5.18 -3.72
CA PHE A 163 22.47 -4.19 -4.70
C PHE A 163 21.06 -4.44 -5.22
N GLY A 164 20.34 -5.41 -4.67
CA GLY A 164 18.96 -5.65 -5.02
C GLY A 164 18.72 -7.10 -5.39
N ASN A 165 17.56 -7.34 -5.98
CA ASN A 165 17.13 -8.68 -6.40
C ASN A 165 16.80 -8.63 -7.88
N ARG A 166 17.62 -9.28 -8.70
CA ARG A 166 17.38 -9.38 -10.13
C ARG A 166 16.74 -10.72 -10.44
N ASP A 167 15.54 -10.69 -11.02
CA ASP A 167 14.83 -11.92 -11.35
C ASP A 167 15.47 -12.59 -12.56
N GLN A 168 15.77 -13.88 -12.44
CA GLN A 168 16.37 -14.65 -13.52
C GLN A 168 15.28 -15.37 -14.30
N LYS A 169 14.57 -14.59 -15.12
CA LYS A 169 13.45 -15.12 -15.87
C LYS A 169 13.94 -16.08 -16.97
N VAL A 170 13.03 -16.94 -17.39
CA VAL A 170 13.35 -18.02 -18.33
C VAL A 170 13.17 -17.52 -19.75
N GLN A 171 14.20 -17.71 -20.58
CA GLN A 171 14.08 -17.42 -22.00
C GLN A 171 13.29 -18.53 -22.69
N PRO A 172 12.59 -18.21 -23.78
CA PRO A 172 11.79 -19.24 -24.47
C PRO A 172 12.66 -20.39 -24.95
N GLY A 173 12.37 -21.58 -24.46
CA GLY A 173 13.07 -22.78 -24.84
C GLY A 173 14.29 -23.13 -23.99
N HIS A 174 14.69 -22.25 -23.09
CA HIS A 174 15.85 -22.47 -22.23
C HIS A 174 15.40 -22.75 -20.80
N TYR A 175 16.36 -22.87 -19.90
CA TYR A 175 16.10 -23.23 -18.50
C TYR A 175 16.26 -22.01 -17.61
N SER A 176 16.05 -22.22 -16.31
CA SER A 176 15.88 -21.13 -15.36
C SER A 176 17.16 -20.67 -14.67
N ARG A 177 18.28 -21.35 -14.92
CA ARG A 177 19.57 -21.07 -14.27
C ARG A 177 19.52 -21.50 -12.80
N CYS A 178 18.34 -21.89 -12.34
CA CYS A 178 18.15 -22.49 -11.02
C CYS A 178 17.77 -23.97 -11.15
N ARG A 179 17.99 -24.56 -12.31
CA ARG A 179 17.56 -25.94 -12.56
C ARG A 179 18.25 -26.93 -11.64
N TYR A 180 19.54 -26.73 -11.38
CA TYR A 180 20.31 -27.67 -10.57
C TYR A 180 20.20 -27.40 -9.07
N ILE A 181 19.57 -26.31 -8.66
CA ILE A 181 19.31 -26.03 -7.25
C ILE A 181 17.81 -25.95 -6.96
N ALA A 182 16.97 -26.33 -7.93
CA ALA A 182 15.54 -26.30 -7.76
C ALA A 182 15.08 -27.45 -6.86
N PRO A 183 13.92 -27.31 -6.20
CA PRO A 183 13.01 -26.16 -6.19
C PRO A 183 13.45 -25.07 -5.22
N THR A 184 13.99 -25.44 -4.06
CA THR A 184 14.45 -24.48 -3.07
C THR A 184 15.94 -24.68 -2.82
N GLY A 185 16.69 -23.60 -2.90
CA GLY A 185 18.13 -23.67 -2.68
C GLY A 185 18.75 -22.31 -2.91
N SER A 186 20.07 -22.26 -2.70
CA SER A 186 20.81 -21.03 -2.89
C SER A 186 22.29 -21.36 -2.98
N ILE A 187 23.00 -20.58 -3.79
CA ILE A 187 24.45 -20.67 -3.93
C ILE A 187 25.03 -19.26 -3.86
N TYR A 188 26.36 -19.18 -3.86
CA TYR A 188 27.07 -17.91 -3.76
C TYR A 188 27.82 -17.68 -5.07
N LEU A 189 27.20 -16.94 -5.99
CA LEU A 189 27.89 -16.57 -7.21
C LEU A 189 29.08 -15.65 -6.93
N GLY A 190 28.93 -14.73 -5.98
CA GLY A 190 30.00 -13.82 -5.63
C GLY A 190 30.05 -12.60 -6.52
N GLY A 191 30.38 -11.45 -5.94
CA GLY A 191 30.45 -10.21 -6.70
C GLY A 191 29.19 -9.38 -6.58
N ASN A 192 28.88 -8.61 -7.62
CA ASN A 192 27.71 -7.74 -7.59
C ASN A 192 26.42 -8.53 -7.49
N GLU A 193 26.34 -9.68 -8.17
CA GLU A 193 25.11 -10.46 -8.15
C GLU A 193 24.80 -10.97 -6.74
N GLY A 194 25.76 -11.61 -6.10
CA GLY A 194 25.56 -12.09 -4.74
C GLY A 194 25.05 -13.51 -4.71
N TYR A 195 23.98 -13.74 -3.96
CA TYR A 195 23.41 -15.06 -3.79
C TYR A 195 22.35 -15.35 -4.85
N LEU A 196 22.44 -16.52 -5.47
CA LEU A 196 21.43 -16.98 -6.41
C LEU A 196 20.37 -17.74 -5.62
N VAL A 197 19.25 -17.07 -5.33
CA VAL A 197 18.21 -17.62 -4.48
C VAL A 197 17.14 -18.25 -5.36
N SER A 198 16.78 -19.50 -5.04
CA SER A 198 15.71 -20.21 -5.74
C SER A 198 14.64 -20.57 -4.70
N ASP A 199 13.43 -20.07 -4.90
CA ASP A 199 12.31 -20.36 -4.03
C ASP A 199 11.32 -21.24 -4.78
N GLY A 200 11.02 -22.40 -4.21
CA GLY A 200 10.18 -23.39 -4.85
C GLY A 200 8.83 -23.55 -4.18
N GLN A 201 7.99 -24.38 -4.81
CA GLN A 201 6.67 -24.70 -4.29
C GLN A 201 6.39 -26.17 -4.56
N SER A 202 5.50 -26.74 -3.75
CA SER A 202 5.14 -28.15 -3.88
C SER A 202 3.62 -28.28 -3.81
N ALA A 203 3.10 -29.32 -4.46
CA ALA A 203 1.69 -29.62 -4.44
C ALA A 203 1.49 -31.12 -4.36
N SER A 204 0.58 -31.56 -3.50
CA SER A 204 0.28 -32.98 -3.41
C SER A 204 -0.34 -33.47 -4.72
N MET A 205 0.33 -34.41 -5.36
CA MET A 205 -0.08 -34.84 -6.69
C MET A 205 -1.26 -35.80 -6.60
N THR A 206 -2.05 -35.82 -7.67
CA THR A 206 -3.30 -36.58 -7.69
C THR A 206 -3.00 -38.07 -7.89
N GLU A 207 -4.06 -38.85 -8.10
CA GLU A 207 -3.91 -40.30 -8.28
C GLU A 207 -3.11 -40.60 -9.54
N ARG A 208 -3.22 -39.77 -10.57
CA ARG A 208 -2.46 -39.92 -11.79
C ARG A 208 -1.76 -38.61 -12.12
N VAL A 209 -0.59 -38.73 -12.76
CA VAL A 209 0.20 -37.55 -13.09
C VAL A 209 -0.49 -36.77 -14.21
N GLN A 210 -0.42 -35.45 -14.11
CA GLN A 210 -0.90 -34.55 -15.15
C GLN A 210 0.30 -33.93 -15.84
N MET A 211 0.42 -34.12 -17.15
CA MET A 211 1.61 -33.79 -17.89
C MET A 211 1.29 -32.77 -18.97
N THR A 212 2.27 -31.90 -19.24
CA THR A 212 2.13 -30.84 -20.24
C THR A 212 3.04 -31.14 -21.42
N PHE A 213 2.50 -31.02 -22.63
CA PHE A 213 3.27 -31.21 -23.85
C PHE A 213 3.20 -29.92 -24.67
N VAL A 214 4.37 -29.33 -24.92
CA VAL A 214 4.48 -28.15 -25.78
C VAL A 214 5.09 -28.61 -27.09
N ILE A 215 4.27 -28.71 -28.14
CA ILE A 215 4.70 -29.21 -29.43
C ILE A 215 5.04 -28.03 -30.33
N SER A 216 6.25 -28.02 -30.86
CA SER A 216 6.71 -26.97 -31.76
C SER A 216 7.24 -27.59 -33.04
N VAL A 217 6.91 -26.96 -34.16
CA VAL A 217 7.32 -27.43 -35.48
C VAL A 217 7.97 -26.27 -36.24
N THR A 218 8.86 -26.62 -37.16
CA THR A 218 9.56 -25.64 -37.97
C THR A 218 9.34 -25.95 -39.45
N PHE A 219 9.26 -24.89 -40.24
CA PHE A 219 9.07 -25.02 -41.69
C PHE A 219 10.34 -24.65 -42.45
N VAL A 226 9.96 -34.37 -41.35
CA VAL A 226 9.04 -35.01 -40.42
C VAL A 226 7.66 -35.12 -41.05
N CYS A 227 7.44 -36.20 -41.79
CA CYS A 227 6.16 -36.41 -42.45
C CYS A 227 5.36 -37.50 -41.72
N PRO A 228 4.02 -37.41 -41.73
CA PRO A 228 3.17 -38.40 -41.08
C PRO A 228 3.30 -39.80 -41.70
N SER B 1 39.59 -6.96 1.37
CA SER B 1 39.90 -6.70 2.77
C SER B 1 39.50 -5.28 3.18
N THR B 2 39.12 -4.49 2.18
CA THR B 2 38.69 -3.12 2.43
C THR B 2 37.37 -3.12 3.21
N ILE B 3 37.19 -2.06 4.02
CA ILE B 3 35.95 -1.92 4.78
C ILE B 3 34.75 -1.87 3.84
N GLU B 4 34.91 -1.27 2.67
CA GLU B 4 33.83 -1.24 1.69
C GLU B 4 33.43 -2.65 1.27
N GLU B 5 34.42 -3.50 0.97
CA GLU B 5 34.12 -4.87 0.57
C GLU B 5 33.49 -5.66 1.72
N GLN B 6 33.97 -5.45 2.94
CA GLN B 6 33.39 -6.13 4.09
C GLN B 6 31.93 -5.73 4.28
N ALA B 7 31.64 -4.44 4.17
CA ALA B 7 30.25 -3.99 4.27
C ALA B 7 29.40 -4.56 3.14
N LYS B 8 29.96 -4.62 1.93
CA LYS B 8 29.21 -5.15 0.79
C LYS B 8 28.86 -6.62 0.99
N THR B 9 29.82 -7.43 1.45
CA THR B 9 29.52 -8.84 1.67
C THR B 9 28.62 -9.05 2.88
N PHE B 10 28.75 -8.21 3.90
CA PHE B 10 27.82 -8.28 5.02
C PHE B 10 26.39 -7.99 4.58
N LEU B 11 26.21 -6.98 3.72
CA LEU B 11 24.88 -6.68 3.21
C LEU B 11 24.40 -7.77 2.26
N ASP B 12 25.30 -8.40 1.53
CA ASP B 12 24.92 -9.56 0.72
C ASP B 12 24.33 -10.66 1.59
N LYS B 13 25.02 -10.99 2.68
CA LYS B 13 24.52 -12.03 3.59
C LYS B 13 23.20 -11.60 4.24
N PHE B 14 23.12 -10.34 4.65
CA PHE B 14 21.90 -9.84 5.29
C PHE B 14 20.71 -9.90 4.35
N ASN B 15 20.90 -9.51 3.09
CA ASN B 15 19.81 -9.56 2.13
C ASN B 15 19.44 -11.00 1.77
N HIS B 16 20.43 -11.90 1.72
CA HIS B 16 20.13 -13.30 1.48
C HIS B 16 19.29 -13.88 2.61
N GLU B 17 19.62 -13.54 3.85
CA GLU B 17 18.91 -14.11 5.00
C GLU B 17 17.65 -13.33 5.39
N ALA B 18 17.42 -12.16 4.79
CA ALA B 18 16.27 -11.34 5.15
C ALA B 18 15.10 -11.49 4.19
N GLU B 19 15.34 -11.85 2.94
CA GLU B 19 14.24 -12.06 2.01
C GLU B 19 13.41 -13.27 2.40
N ASP B 20 14.07 -14.35 2.85
CA ASP B 20 13.33 -15.55 3.25
C ASP B 20 12.57 -15.33 4.54
N LEU B 21 13.23 -14.73 5.54
CA LEU B 21 12.58 -14.55 6.84
C LEU B 21 11.43 -13.56 6.78
N PHE B 22 11.61 -12.45 6.04
CA PHE B 22 10.52 -11.50 5.88
C PHE B 22 9.36 -12.11 5.13
N TYR B 23 9.64 -12.93 4.11
CA TYR B 23 8.57 -13.61 3.39
C TYR B 23 7.84 -14.59 4.29
N GLN B 24 8.57 -15.31 5.14
CA GLN B 24 7.92 -16.23 6.07
C GLN B 24 7.03 -15.49 7.06
N SER B 25 7.51 -14.37 7.58
CA SER B 25 6.70 -13.57 8.51
C SER B 25 5.45 -13.03 7.81
N SER B 26 5.61 -12.55 6.58
CA SER B 26 4.47 -12.02 5.83
C SER B 26 3.47 -13.12 5.51
N LEU B 27 3.94 -14.31 5.16
CA LEU B 27 3.04 -15.44 4.90
C LEU B 27 2.28 -15.83 6.16
N ALA B 28 2.97 -15.88 7.30
CA ALA B 28 2.28 -16.21 8.55
C ALA B 28 1.23 -15.17 8.90
N SER B 29 1.57 -13.88 8.77
CA SER B 29 0.61 -12.83 9.08
C SER B 29 -0.57 -12.85 8.11
N TRP B 30 -0.30 -13.11 6.84
CA TRP B 30 -1.39 -13.20 5.86
C TRP B 30 -2.30 -14.38 6.15
N ASN B 31 -1.72 -15.53 6.53
CA ASN B 31 -2.54 -16.68 6.91
C ASN B 31 -3.37 -16.38 8.14
N TYR B 32 -2.83 -15.62 9.09
CA TYR B 32 -3.62 -15.22 10.26
C TYR B 32 -4.77 -14.31 9.87
N ASN B 33 -4.48 -13.25 9.10
CA ASN B 33 -5.51 -12.28 8.75
C ASN B 33 -6.59 -12.89 7.86
N THR B 34 -6.20 -13.70 6.89
CA THR B 34 -7.17 -14.32 6.00
C THR B 34 -8.09 -15.28 6.74
N ASN B 35 -7.52 -16.07 7.65
CA ASN B 35 -8.29 -17.07 8.39
C ASN B 35 -7.77 -17.04 9.82
N ILE B 36 -8.56 -16.47 10.73
CA ILE B 36 -8.16 -16.33 12.13
C ILE B 36 -8.48 -17.63 12.87
N THR B 37 -7.44 -18.25 13.42
CA THR B 37 -7.59 -19.39 14.32
C THR B 37 -6.65 -19.18 15.49
N GLU B 38 -6.48 -20.22 16.30
CA GLU B 38 -5.50 -20.18 17.38
C GLU B 38 -4.12 -20.62 16.94
N GLU B 39 -4.03 -21.53 15.96
CA GLU B 39 -2.74 -21.95 15.46
C GLU B 39 -2.12 -20.89 14.55
N ASN B 40 -2.94 -20.25 13.72
CA ASN B 40 -2.43 -19.26 12.78
C ASN B 40 -1.84 -18.05 13.50
N VAL B 41 -2.51 -17.57 14.55
CA VAL B 41 -1.98 -16.43 15.30
C VAL B 41 -0.66 -16.80 15.96
N GLN B 42 -0.56 -18.01 16.52
CA GLN B 42 0.68 -18.44 17.14
C GLN B 42 1.81 -18.53 16.13
N ASN B 43 1.52 -19.05 14.94
CA ASN B 43 2.52 -19.07 13.88
C ASN B 43 2.95 -17.65 13.51
N MET B 44 1.99 -16.72 13.47
CA MET B 44 2.33 -15.34 13.19
C MET B 44 3.27 -14.77 14.25
N ASN B 45 2.98 -15.02 15.53
CA ASN B 45 3.87 -14.50 16.57
C ASN B 45 5.25 -15.14 16.49
N ASN B 46 5.31 -16.45 16.20
CA ASN B 46 6.62 -17.10 16.08
C ASN B 46 7.42 -16.51 14.94
N ALA B 47 6.80 -16.31 13.79
CA ALA B 47 7.48 -15.72 12.64
C ALA B 47 7.93 -14.29 12.95
N GLY B 48 7.08 -13.51 13.60
CA GLY B 48 7.45 -12.14 13.94
C GLY B 48 8.60 -12.09 14.93
N ASP B 49 8.58 -12.98 15.93
CA ASP B 49 9.67 -13.03 16.90
C ASP B 49 10.98 -13.41 16.22
N LYS B 50 10.93 -14.40 15.31
CA LYS B 50 12.14 -14.79 14.59
C LYS B 50 12.67 -13.63 13.75
N TRP B 51 11.77 -12.92 13.06
CA TRP B 51 12.19 -11.80 12.22
C TRP B 51 12.78 -10.68 13.07
N SER B 52 12.17 -10.38 14.21
CA SER B 52 12.70 -9.32 15.09
C SER B 52 14.04 -9.71 15.67
N ALA B 53 14.22 -10.97 16.05
CA ALA B 53 15.51 -11.42 16.56
C ALA B 53 16.59 -11.31 15.49
N PHE B 54 16.26 -11.72 14.26
CA PHE B 54 17.22 -11.57 13.17
C PHE B 54 17.56 -10.11 12.92
N LEU B 55 16.54 -9.23 12.94
CA LEU B 55 16.77 -7.81 12.71
C LEU B 55 17.68 -7.22 13.77
N LYS B 56 17.45 -7.56 15.04
CA LYS B 56 18.30 -7.06 16.11
C LYS B 56 19.73 -7.60 15.98
N GLU B 57 19.87 -8.89 15.68
CA GLU B 57 21.20 -9.48 15.55
C GLU B 57 21.98 -8.84 14.42
N GLN B 58 21.32 -8.56 13.30
CA GLN B 58 22.00 -7.91 12.18
C GLN B 58 22.25 -6.44 12.46
N SER B 59 21.40 -5.79 13.25
CA SER B 59 21.60 -4.39 13.58
C SER B 59 22.81 -4.20 14.49
N THR B 60 22.96 -5.08 15.49
CA THR B 60 24.16 -5.00 16.32
C THR B 60 25.41 -5.30 15.51
N LEU B 61 25.33 -6.26 14.59
CA LEU B 61 26.47 -6.57 13.73
C LEU B 61 26.77 -5.47 12.73
N ALA B 62 25.81 -4.58 12.47
CA ALA B 62 25.99 -3.55 11.45
C ALA B 62 26.86 -2.40 11.93
N GLN B 63 26.99 -2.19 13.24
CA GLN B 63 27.77 -1.07 13.75
C GLN B 63 29.25 -1.23 13.51
N MET B 64 29.72 -2.43 13.17
CA MET B 64 31.13 -2.64 12.90
C MET B 64 31.63 -1.85 11.71
N TYR B 65 30.75 -1.56 10.73
CA TYR B 65 31.15 -0.90 9.51
C TYR B 65 30.80 0.58 9.60
N PRO B 66 31.78 1.48 9.69
CA PRO B 66 31.46 2.91 9.80
C PRO B 66 30.88 3.48 8.52
N LEU B 67 30.05 4.51 8.69
CA LEU B 67 29.43 5.17 7.54
C LEU B 67 30.43 6.01 6.77
N GLN B 68 31.36 6.65 7.48
CA GLN B 68 32.26 7.62 6.84
C GLN B 68 33.21 6.97 5.83
N GLU B 69 33.49 5.68 5.98
CA GLU B 69 34.39 5.01 5.05
C GLU B 69 33.68 4.43 3.84
N ILE B 70 32.39 4.12 3.96
CA ILE B 70 31.65 3.54 2.84
C ILE B 70 31.35 4.62 1.82
N GLN B 71 31.61 4.31 0.55
CA GLN B 71 31.45 5.27 -0.54
C GLN B 71 30.19 5.02 -1.37
N ASN B 72 29.80 3.76 -1.58
CA ASN B 72 28.63 3.46 -2.39
C ASN B 72 27.37 3.96 -1.71
N LEU B 73 26.50 4.60 -2.50
CA LEU B 73 25.26 5.15 -1.93
C LEU B 73 24.30 4.05 -1.50
N THR B 74 24.22 2.96 -2.26
CA THR B 74 23.32 1.86 -1.88
C THR B 74 23.77 1.22 -0.57
N VAL B 75 25.07 0.90 -0.47
CA VAL B 75 25.60 0.29 0.74
C VAL B 75 25.45 1.24 1.93
N LYS B 76 25.76 2.52 1.73
CA LYS B 76 25.63 3.49 2.81
C LYS B 76 24.19 3.63 3.26
N LEU B 77 23.24 3.66 2.31
CA LEU B 77 21.84 3.82 2.67
C LEU B 77 21.29 2.60 3.38
N GLN B 78 21.72 1.40 2.98
CA GLN B 78 21.32 0.20 3.71
C GLN B 78 21.91 0.19 5.11
N LEU B 79 23.18 0.58 5.25
CA LEU B 79 23.82 0.59 6.55
C LEU B 79 23.17 1.62 7.48
N GLN B 80 22.76 2.77 6.92
CA GLN B 80 22.09 3.77 7.74
C GLN B 80 20.86 3.19 8.42
N ALA B 81 20.00 2.52 7.66
CA ALA B 81 18.82 1.91 8.26
C ALA B 81 19.18 0.72 9.15
N LEU B 82 20.31 0.06 8.88
CA LEU B 82 20.68 -1.11 9.67
C LEU B 82 21.24 -0.75 11.03
N GLN B 83 21.94 0.38 11.16
CA GLN B 83 22.57 0.75 12.42
C GLN B 83 21.70 1.63 13.31
N GLN B 84 20.45 1.89 12.93
CA GLN B 84 19.54 2.61 13.82
C GLN B 84 19.21 1.72 15.02
N ASN B 85 19.85 2.00 16.15
CA ASN B 85 19.66 1.15 17.33
C ASN B 85 18.25 1.28 17.89
N GLY B 86 17.82 2.51 18.15
CA GLY B 86 16.48 2.74 18.69
C GLY B 86 16.33 2.35 20.14
N SER B 87 15.28 1.59 20.43
CA SER B 87 15.00 1.19 21.81
C SER B 87 16.11 0.35 22.41
N SER B 88 16.95 -0.27 21.58
CA SER B 88 18.08 -1.03 22.10
C SER B 88 19.10 -0.14 22.80
N VAL B 89 19.07 1.17 22.54
CA VAL B 89 19.97 2.08 23.26
C VAL B 89 19.65 2.10 24.74
N LEU B 90 18.36 2.16 25.08
CA LEU B 90 17.95 2.19 26.46
C LEU B 90 18.33 0.89 27.18
N SER B 91 18.48 0.98 28.49
CA SER B 91 18.81 -0.18 29.30
C SER B 91 17.64 -1.16 29.30
N GLU B 92 17.89 -2.36 29.83
CA GLU B 92 16.86 -3.39 29.85
C GLU B 92 15.65 -2.94 30.65
N ASP B 93 15.87 -2.33 31.82
CA ASP B 93 14.76 -1.83 32.62
C ASP B 93 14.02 -0.73 31.87
N LYS B 94 14.74 0.20 31.27
CA LYS B 94 14.10 1.29 30.53
C LYS B 94 13.33 0.75 29.32
N SER B 95 13.92 -0.19 28.59
CA SER B 95 13.24 -0.76 27.42
C SER B 95 11.98 -1.49 27.83
N LYS B 96 12.05 -2.29 28.91
CA LYS B 96 10.87 -2.99 29.38
C LYS B 96 9.80 -2.02 29.84
N ARG B 97 10.19 -0.96 30.55
CA ARG B 97 9.21 0.03 30.99
C ARG B 97 8.55 0.72 29.81
N LEU B 98 9.33 1.08 28.79
CA LEU B 98 8.75 1.74 27.62
C LEU B 98 7.80 0.81 26.87
N ASN B 99 8.19 -0.45 26.68
CA ASN B 99 7.31 -1.40 26.01
C ASN B 99 6.03 -1.62 26.80
N THR B 100 6.14 -1.73 28.13
CA THR B 100 4.95 -1.89 28.96
C THR B 100 4.04 -0.67 28.86
N ILE B 101 4.62 0.52 28.88
CA ILE B 101 3.81 1.74 28.79
C ILE B 101 3.07 1.77 27.45
N LEU B 102 3.78 1.45 26.37
CA LEU B 102 3.13 1.41 25.06
C LEU B 102 2.03 0.38 25.02
N ASN B 103 2.25 -0.79 25.64
CA ASN B 103 1.24 -1.84 25.62
C ASN B 103 -0.02 -1.41 26.38
N THR B 104 0.14 -0.85 27.58
CA THR B 104 -1.02 -0.39 28.33
C THR B 104 -1.74 0.74 27.63
N MET B 105 -1.00 1.67 27.01
CA MET B 105 -1.64 2.76 26.28
C MET B 105 -2.46 2.22 25.12
N SER B 106 -1.89 1.28 24.35
CA SER B 106 -2.60 0.71 23.22
C SER B 106 -3.83 -0.07 23.68
N THR B 107 -3.72 -0.83 24.77
CA THR B 107 -4.86 -1.59 25.25
C THR B 107 -5.95 -0.67 25.80
N ILE B 108 -5.57 0.42 26.46
CA ILE B 108 -6.55 1.39 26.95
C ILE B 108 -7.30 2.01 25.78
N TYR B 109 -6.58 2.37 24.71
CA TYR B 109 -7.27 2.92 23.55
C TYR B 109 -8.18 1.88 22.89
N SER B 110 -7.68 0.65 22.73
CA SER B 110 -8.46 -0.37 22.03
C SER B 110 -9.71 -0.75 22.80
N THR B 111 -9.61 -0.89 24.12
CA THR B 111 -10.75 -1.25 24.96
C THR B 111 -11.40 -0.04 25.59
N GLY B 112 -11.40 1.11 24.91
CA GLY B 112 -12.11 2.26 25.42
C GLY B 112 -13.60 1.94 25.59
N LYS B 113 -14.12 2.26 26.76
CA LYS B 113 -15.46 1.83 27.14
C LYS B 113 -16.17 2.95 27.86
N VAL B 114 -17.44 3.16 27.49
CA VAL B 114 -18.24 4.25 28.02
C VAL B 114 -19.65 3.74 28.29
N CYS B 115 -20.18 4.08 29.46
CA CYS B 115 -21.57 3.78 29.79
C CYS B 115 -22.04 4.71 30.91
N ASN B 116 -23.24 5.26 30.75
CA ASN B 116 -23.83 6.08 31.80
C ASN B 116 -24.30 5.21 32.95
N PRO B 117 -24.43 5.77 34.16
CA PRO B 117 -24.91 4.97 35.29
C PRO B 117 -26.29 4.36 35.07
N ASP B 118 -27.09 4.93 34.17
CA ASP B 118 -28.44 4.40 33.93
C ASP B 118 -28.42 2.97 33.39
N ASN B 119 -27.33 2.55 32.74
CA ASN B 119 -27.24 1.21 32.20
C ASN B 119 -25.79 0.75 32.15
N PRO B 120 -25.26 0.19 33.23
CA PRO B 120 -23.88 -0.31 33.21
C PRO B 120 -23.68 -1.53 32.31
N GLN B 121 -24.75 -2.16 31.85
CA GLN B 121 -24.65 -3.29 30.94
C GLN B 121 -24.83 -2.91 29.48
N GLU B 122 -25.14 -1.65 29.19
CA GLU B 122 -25.31 -1.15 27.83
C GLU B 122 -24.12 -0.30 27.39
N CYS B 123 -22.92 -0.72 27.77
CA CYS B 123 -21.73 0.09 27.55
C CYS B 123 -21.42 0.23 26.06
N LEU B 124 -20.88 1.40 25.70
CA LEU B 124 -20.55 1.72 24.32
C LEU B 124 -19.04 1.91 24.20
N LEU B 125 -18.45 1.26 23.21
CA LEU B 125 -17.03 1.41 22.91
C LEU B 125 -16.85 2.36 21.72
N LEU B 126 -15.59 2.59 21.34
CA LEU B 126 -15.31 3.53 20.26
C LEU B 126 -15.81 3.01 18.92
N GLU B 127 -15.47 1.78 18.59
CA GLU B 127 -15.84 1.20 17.29
C GLU B 127 -16.81 0.05 17.50
N PRO B 128 -18.05 0.14 16.99
CA PRO B 128 -18.62 1.28 16.28
C PRO B 128 -19.59 2.07 17.15
N GLY B 129 -19.41 2.06 18.48
CA GLY B 129 -20.37 2.70 19.36
C GLY B 129 -20.40 4.21 19.27
N LEU B 130 -19.35 4.87 19.77
CA LEU B 130 -19.32 6.33 19.77
C LEU B 130 -19.02 6.90 18.39
N ASN B 131 -18.42 6.11 17.50
CA ASN B 131 -18.18 6.58 16.13
C ASN B 131 -19.48 6.91 15.43
N GLU B 132 -20.51 6.08 15.64
CA GLU B 132 -21.81 6.33 15.01
C GLU B 132 -22.43 7.62 15.54
N ILE B 133 -22.33 7.87 16.85
CA ILE B 133 -22.86 9.11 17.40
C ILE B 133 -22.12 10.31 16.82
N MET B 134 -20.79 10.23 16.75
CA MET B 134 -20.01 11.36 16.27
C MET B 134 -20.13 11.56 14.77
N ALA B 135 -20.53 10.53 14.02
CA ALA B 135 -20.61 10.64 12.57
C ALA B 135 -22.02 10.88 12.04
N ASN B 136 -23.05 10.48 12.77
CA ASN B 136 -24.42 10.53 12.25
C ASN B 136 -25.37 11.36 13.08
N SER B 137 -25.17 11.48 14.38
CA SER B 137 -26.11 12.19 15.23
C SER B 137 -26.13 13.67 14.91
N LEU B 138 -27.27 14.31 15.20
CA LEU B 138 -27.47 15.74 15.00
C LEU B 138 -27.93 16.43 16.28
N ASP B 139 -27.63 15.84 17.43
CA ASP B 139 -28.00 16.41 18.72
C ASP B 139 -26.75 17.01 19.37
N TYR B 140 -26.84 18.28 19.76
CA TYR B 140 -25.71 18.93 20.40
C TYR B 140 -25.36 18.27 21.72
N ASN B 141 -26.38 17.95 22.53
CA ASN B 141 -26.12 17.37 23.84
C ASN B 141 -25.60 15.94 23.73
N GLU B 142 -26.14 15.15 22.80
CA GLU B 142 -25.70 13.77 22.65
C GLU B 142 -24.25 13.69 22.17
N ARG B 143 -23.90 14.50 21.17
CA ARG B 143 -22.52 14.53 20.69
C ARG B 143 -21.58 15.07 21.77
N LEU B 144 -22.03 16.08 22.53
CA LEU B 144 -21.21 16.59 23.62
C LEU B 144 -20.95 15.51 24.66
N TRP B 145 -21.99 14.71 24.97
CA TRP B 145 -21.80 13.61 25.91
C TRP B 145 -20.83 12.58 25.37
N ALA B 146 -21.02 12.17 24.12
CA ALA B 146 -20.14 11.16 23.53
C ALA B 146 -18.71 11.66 23.39
N TRP B 147 -18.51 12.97 23.32
CA TRP B 147 -17.18 13.55 23.25
C TRP B 147 -16.52 13.60 24.63
N GLU B 148 -17.23 14.19 25.59
CA GLU B 148 -16.68 14.35 26.94
C GLU B 148 -16.45 13.00 27.62
N SER B 149 -17.36 12.05 27.42
CA SER B 149 -17.19 10.74 28.03
C SER B 149 -15.95 10.04 27.50
N TRP B 150 -15.73 10.11 26.19
CA TRP B 150 -14.55 9.46 25.62
C TRP B 150 -13.27 10.16 26.02
N ARG B 151 -13.29 11.49 26.17
CA ARG B 151 -12.08 12.20 26.55
C ARG B 151 -11.84 12.26 28.05
N SER B 152 -12.81 11.84 28.87
CA SER B 152 -12.66 11.82 30.32
C SER B 152 -12.58 10.42 30.90
N GLU B 153 -12.99 9.39 30.17
CA GLU B 153 -12.86 8.02 30.62
C GLU B 153 -11.62 7.32 30.07
N VAL B 154 -11.16 7.71 28.89
CA VAL B 154 -9.97 7.12 28.28
C VAL B 154 -8.79 8.08 28.32
N GLY B 155 -9.00 9.33 27.86
CA GLY B 155 -7.91 10.29 27.84
C GLY B 155 -7.42 10.65 29.22
N LYS B 156 -8.33 10.70 30.19
CA LYS B 156 -7.94 11.05 31.55
C LYS B 156 -7.01 10.02 32.19
N GLN B 157 -7.09 8.77 31.74
CA GLN B 157 -6.27 7.70 32.33
C GLN B 157 -5.02 7.40 31.51
N LEU B 158 -4.83 8.04 30.37
CA LEU B 158 -3.59 7.94 29.62
C LEU B 158 -2.60 9.04 29.95
N ARG B 159 -2.96 9.97 30.84
CA ARG B 159 -2.11 11.15 31.05
C ARG B 159 -0.78 10.79 31.71
N PRO B 160 -0.73 10.17 32.90
CA PRO B 160 0.59 9.84 33.46
C PRO B 160 1.36 8.85 32.61
N LEU B 161 0.66 7.90 31.98
CA LEU B 161 1.33 6.97 31.08
C LEU B 161 1.95 7.69 29.89
N TYR B 162 1.24 8.68 29.33
CA TYR B 162 1.81 9.42 28.22
C TYR B 162 2.97 10.29 28.67
N GLU B 163 2.90 10.84 29.88
CA GLU B 163 4.03 11.63 30.38
C GLU B 163 5.28 10.76 30.52
N GLU B 164 5.13 9.57 31.10
CA GLU B 164 6.26 8.67 31.24
C GLU B 164 6.76 8.21 29.87
N TYR B 165 5.84 7.98 28.93
CA TYR B 165 6.22 7.61 27.57
C TYR B 165 7.03 8.72 26.90
N VAL B 166 6.61 9.98 27.09
CA VAL B 166 7.34 11.10 26.52
C VAL B 166 8.74 11.17 27.12
N VAL B 167 8.86 11.01 28.44
CA VAL B 167 10.16 11.07 29.08
C VAL B 167 11.07 9.97 28.55
N LEU B 168 10.56 8.74 28.47
CA LEU B 168 11.38 7.62 28.01
C LEU B 168 11.76 7.77 26.54
N LYS B 169 10.83 8.25 25.71
CA LYS B 169 11.12 8.44 24.29
C LYS B 169 12.17 9.53 24.07
N ASN B 170 12.07 10.63 24.82
CA ASN B 170 13.10 11.65 24.74
C ASN B 170 14.44 11.12 25.19
N GLU B 171 14.46 10.30 26.26
CA GLU B 171 15.70 9.69 26.70
C GLU B 171 16.31 8.84 25.59
N MET B 172 15.50 7.98 24.97
CA MET B 172 15.99 7.11 23.91
C MET B 172 16.50 7.93 22.73
N ALA B 173 15.77 8.97 22.34
CA ALA B 173 16.16 9.75 21.17
C ALA B 173 17.44 10.54 21.42
N ARG B 174 17.53 11.23 22.56
CA ARG B 174 18.73 11.99 22.87
C ARG B 174 19.93 11.10 23.09
N ALA B 175 19.72 9.88 23.60
CA ALA B 175 20.81 8.92 23.69
C ALA B 175 21.14 8.31 22.33
N ASN B 176 20.34 8.59 21.30
CA ASN B 176 20.59 8.10 19.95
C ASN B 176 21.05 9.21 19.02
N HIS B 177 21.62 10.29 19.57
CA HIS B 177 22.17 11.41 18.81
C HIS B 177 21.09 12.17 18.04
N TYR B 178 19.96 12.42 18.71
CA TYR B 178 18.91 13.30 18.22
C TYR B 178 18.57 14.33 19.29
N GLU B 179 18.01 15.46 18.84
CA GLU B 179 17.64 16.50 19.80
C GLU B 179 16.54 16.03 20.74
N ASP B 180 15.54 15.35 20.21
CA ASP B 180 14.43 14.80 20.99
C ASP B 180 13.72 13.77 20.12
N TYR B 181 12.56 13.29 20.57
CA TYR B 181 11.82 12.31 19.79
C TYR B 181 11.22 12.92 18.54
N GLY B 182 10.84 14.20 18.59
CA GLY B 182 10.36 14.86 17.38
C GLY B 182 11.42 14.92 16.30
N ASP B 183 12.67 15.17 16.69
CA ASP B 183 13.77 15.15 15.74
C ASP B 183 13.97 13.77 15.16
N TYR B 184 13.84 12.73 16.00
CA TYR B 184 13.92 11.36 15.50
C TYR B 184 12.84 11.08 14.47
N TRP B 185 11.62 11.55 14.73
CA TRP B 185 10.54 11.36 13.77
C TRP B 185 10.80 12.12 12.48
N ARG B 186 11.28 13.36 12.58
CA ARG B 186 11.59 14.15 11.39
C ARG B 186 12.79 13.62 10.63
N GLY B 187 13.59 12.73 11.23
CA GLY B 187 14.72 12.14 10.54
C GLY B 187 14.37 11.34 9.30
N ASP B 188 13.09 11.04 9.10
CA ASP B 188 12.67 10.34 7.87
C ASP B 188 12.91 11.21 6.64
N TYR B 189 12.72 12.52 6.76
CA TYR B 189 12.87 13.44 5.65
C TYR B 189 14.29 13.98 5.51
N GLU B 190 15.22 13.54 6.36
CA GLU B 190 16.60 14.01 6.28
C GLU B 190 17.30 13.40 5.07
N VAL B 191 18.02 14.25 4.33
CA VAL B 191 18.88 13.81 3.23
C VAL B 191 20.24 14.46 3.42
N ASN B 192 21.29 13.65 3.38
CA ASN B 192 22.65 14.15 3.52
C ASN B 192 23.55 13.47 2.50
N GLY B 193 24.62 14.17 2.11
CA GLY B 193 25.61 13.60 1.23
C GLY B 193 25.29 13.62 -0.25
N VAL B 194 24.23 14.33 -0.66
CA VAL B 194 23.86 14.45 -2.06
C VAL B 194 23.84 15.93 -2.41
N ASP B 195 24.70 16.34 -3.33
CA ASP B 195 24.81 17.75 -3.67
C ASP B 195 23.54 18.24 -4.36
N GLY B 196 22.98 19.32 -3.84
CA GLY B 196 21.78 19.91 -4.40
C GLY B 196 20.49 19.22 -4.01
N TYR B 197 20.55 18.17 -3.19
CA TYR B 197 19.36 17.42 -2.80
C TYR B 197 19.26 17.22 -1.30
N ASP B 198 20.14 17.86 -0.52
CA ASP B 198 20.13 17.69 0.92
C ASP B 198 18.86 18.29 1.54
N TYR B 199 18.40 17.64 2.61
CA TYR B 199 17.26 18.11 3.37
C TYR B 199 17.57 17.94 4.85
N SER B 200 17.38 19.00 5.63
CA SER B 200 17.65 18.96 7.05
C SER B 200 16.41 18.51 7.82
N ARG B 201 16.64 17.97 9.02
CA ARG B 201 15.53 17.58 9.88
C ARG B 201 14.71 18.80 10.31
N GLY B 202 15.39 19.89 10.67
CA GLY B 202 14.69 21.10 11.05
C GLY B 202 14.11 21.88 9.89
N GLN B 203 14.49 21.56 8.66
CA GLN B 203 13.91 22.21 7.50
C GLN B 203 12.46 21.78 7.30
N LEU B 204 12.11 20.58 7.77
CA LEU B 204 10.74 20.09 7.61
C LEU B 204 9.75 20.99 8.34
N ILE B 205 10.11 21.45 9.54
CA ILE B 205 9.20 22.32 10.29
C ILE B 205 8.94 23.60 9.52
N GLU B 206 10.00 24.23 9.01
CA GLU B 206 9.85 25.48 8.28
C GLU B 206 9.03 25.28 7.00
N ASP B 207 9.29 24.19 6.28
CA ASP B 207 8.54 23.92 5.05
C ASP B 207 7.07 23.69 5.34
N VAL B 208 6.77 22.91 6.38
CA VAL B 208 5.38 22.64 6.74
C VAL B 208 4.68 23.94 7.15
N GLU B 209 5.36 24.77 7.94
CA GLU B 209 4.77 26.04 8.33
C GLU B 209 4.51 26.94 7.13
N HIS B 210 5.46 27.01 6.20
CA HIS B 210 5.27 27.85 5.01
CA HIS B 210 5.28 27.84 5.01
C HIS B 210 4.11 27.35 4.16
N THR B 211 4.04 26.04 3.94
CA THR B 211 2.95 25.51 3.14
C THR B 211 1.60 25.70 3.82
N PHE B 212 1.56 25.58 5.15
CA PHE B 212 0.31 25.84 5.86
C PHE B 212 -0.08 27.31 5.77
N GLU B 213 0.89 28.21 5.86
CA GLU B 213 0.60 29.63 5.70
C GLU B 213 0.03 29.91 4.32
N GLU B 214 0.50 29.20 3.30
CA GLU B 214 -0.07 29.35 1.97
C GLU B 214 -1.45 28.69 1.86
N ILE B 215 -1.69 27.62 2.62
CA ILE B 215 -2.99 26.95 2.62
C ILE B 215 -4.05 27.80 3.31
N LYS B 216 -3.64 28.58 4.31
CA LYS B 216 -4.59 29.16 5.27
C LYS B 216 -5.77 29.91 4.67
N PRO B 217 -5.66 30.72 3.61
CA PRO B 217 -6.87 31.39 3.09
C PRO B 217 -7.97 30.44 2.65
N LEU B 218 -7.62 29.38 1.92
CA LEU B 218 -8.62 28.42 1.46
C LEU B 218 -9.29 27.73 2.65
N TYR B 219 -8.50 27.31 3.63
CA TYR B 219 -9.07 26.67 4.81
C TYR B 219 -9.95 27.63 5.58
N GLU B 220 -9.56 28.91 5.66
CA GLU B 220 -10.38 29.88 6.36
C GLU B 220 -11.73 30.08 5.67
N HIS B 221 -11.72 30.15 4.34
CA HIS B 221 -12.99 30.27 3.62
C HIS B 221 -13.85 29.03 3.80
N LEU B 222 -13.25 27.84 3.72
CA LEU B 222 -14.01 26.61 3.93
C LEU B 222 -14.56 26.54 5.35
N HIS B 223 -13.76 26.97 6.34
CA HIS B 223 -14.21 26.98 7.72
C HIS B 223 -15.36 27.95 7.93
N ALA B 224 -15.29 29.13 7.30
CA ALA B 224 -16.39 30.07 7.40
C ALA B 224 -17.67 29.50 6.77
N TYR B 225 -17.53 28.86 5.61
CA TYR B 225 -18.69 28.25 4.96
C TYR B 225 -19.28 27.14 5.83
N VAL B 226 -18.43 26.29 6.40
CA VAL B 226 -18.91 25.20 7.25
C VAL B 226 -19.59 25.74 8.50
N ARG B 227 -19.02 26.79 9.09
CA ARG B 227 -19.62 27.41 10.27
C ARG B 227 -20.99 27.99 9.94
N ALA B 228 -21.10 28.68 8.80
CA ALA B 228 -22.38 29.25 8.40
C ALA B 228 -23.42 28.15 8.17
N LYS B 229 -23.01 27.05 7.53
CA LYS B 229 -23.94 25.95 7.31
C LYS B 229 -24.35 25.28 8.60
N LEU B 230 -23.41 25.11 9.54
CA LEU B 230 -23.73 24.48 10.81
C LEU B 230 -24.60 25.37 11.69
N MET B 231 -24.52 26.69 11.50
CA MET B 231 -25.37 27.60 12.25
C MET B 231 -26.85 27.32 12.01
N ASN B 232 -27.18 26.77 10.84
CA ASN B 232 -28.56 26.38 10.56
C ASN B 232 -28.95 25.07 11.23
N ALA B 233 -27.98 24.25 11.62
CA ALA B 233 -28.25 22.99 12.30
C ALA B 233 -28.21 23.12 13.82
N TYR B 234 -27.41 24.04 14.34
CA TYR B 234 -27.34 24.32 15.78
C TYR B 234 -27.50 25.82 15.95
N PRO B 235 -28.73 26.34 15.88
CA PRO B 235 -28.91 27.80 15.88
C PRO B 235 -28.33 28.52 17.09
N SER B 236 -28.43 27.93 18.28
CA SER B 236 -28.01 28.58 19.51
C SER B 236 -26.76 27.94 20.10
N TYR B 237 -25.84 27.48 19.26
CA TYR B 237 -24.62 26.83 19.72
C TYR B 237 -23.36 27.28 19.00
N ILE B 238 -23.47 27.98 17.88
CA ILE B 238 -22.31 28.43 17.12
C ILE B 238 -22.43 29.93 16.90
N SER B 239 -21.35 30.66 17.23
CA SER B 239 -21.40 32.09 16.99
C SER B 239 -20.90 32.41 15.58
N PRO B 240 -21.47 33.42 14.94
CA PRO B 240 -21.08 33.72 13.55
C PRO B 240 -19.61 34.03 13.35
N ILE B 241 -18.97 34.69 14.33
CA ILE B 241 -17.58 35.12 14.18
C ILE B 241 -16.64 34.32 15.07
N GLY B 242 -17.13 33.24 15.69
CA GLY B 242 -16.33 32.44 16.60
C GLY B 242 -15.79 31.19 15.96
N CYS B 243 -15.28 30.30 16.81
CA CYS B 243 -14.71 29.04 16.39
C CYS B 243 -15.81 27.99 16.24
N LEU B 244 -15.40 26.77 15.91
CA LEU B 244 -16.33 25.66 15.72
C LEU B 244 -16.24 24.69 16.89
N PRO B 245 -17.35 24.25 17.46
CA PRO B 245 -17.29 23.26 18.53
C PRO B 245 -16.64 21.97 18.05
N ALA B 246 -15.85 21.35 18.94
CA ALA B 246 -15.05 20.19 18.57
C ALA B 246 -15.90 18.95 18.32
N HIS B 247 -17.08 18.86 18.91
CA HIS B 247 -17.91 17.67 18.80
C HIS B 247 -18.88 17.72 17.63
N LEU B 248 -18.92 18.83 16.89
CA LEU B 248 -19.81 19.00 15.75
C LEU B 248 -19.03 19.00 14.43
N LEU B 249 -17.97 18.21 14.35
CA LEU B 249 -17.08 18.22 13.18
C LEU B 249 -17.18 16.93 12.37
N GLY B 250 -18.21 16.12 12.60
CA GLY B 250 -18.44 14.93 11.82
C GLY B 250 -17.76 13.68 12.32
N ASP B 251 -16.87 13.79 13.30
CA ASP B 251 -16.23 12.63 13.90
C ASP B 251 -15.71 13.02 15.28
N MET B 252 -15.08 12.06 15.96
CA MET B 252 -14.74 12.25 17.37
C MET B 252 -13.75 13.39 17.57
N TRP B 253 -12.70 13.44 16.75
CA TRP B 253 -11.63 14.41 16.94
C TRP B 253 -11.69 15.57 15.97
N GLY B 254 -12.59 15.53 14.98
CA GLY B 254 -12.56 16.53 13.93
C GLY B 254 -11.44 16.34 12.93
N ARG B 255 -10.91 15.12 12.83
CA ARG B 255 -9.83 14.86 11.89
C ARG B 255 -10.28 15.08 10.46
N PHE B 256 -11.45 14.57 10.11
CA PHE B 256 -12.03 14.75 8.79
C PHE B 256 -13.41 15.37 8.92
N TRP B 257 -13.77 16.21 7.96
CA TRP B 257 -15.08 16.83 7.89
C TRP B 257 -15.98 16.13 6.88
N THR B 258 -15.72 14.86 6.60
CA THR B 258 -16.48 14.14 5.57
C THR B 258 -17.96 14.06 5.94
N ASN B 259 -18.26 13.70 7.19
CA ASN B 259 -19.65 13.52 7.60
C ASN B 259 -20.39 14.84 7.76
N LEU B 260 -19.74 15.96 7.50
CA LEU B 260 -20.42 17.26 7.45
C LEU B 260 -20.96 17.57 6.06
N TYR B 261 -20.82 16.65 5.11
CA TYR B 261 -21.27 16.92 3.74
C TYR B 261 -22.78 17.10 3.67
N SER B 262 -23.53 16.31 4.44
CA SER B 262 -24.99 16.42 4.42
C SER B 262 -25.46 17.80 4.83
N LEU B 263 -24.83 18.36 5.87
CA LEU B 263 -25.21 19.69 6.34
C LEU B 263 -24.68 20.80 5.44
N THR B 264 -23.50 20.61 4.85
CA THR B 264 -22.83 21.67 4.11
C THR B 264 -22.84 21.44 2.60
N VAL B 265 -23.74 20.60 2.11
CA VAL B 265 -23.79 20.38 0.66
C VAL B 265 -24.22 21.66 -0.05
N PRO B 266 -23.50 22.09 -1.10
CA PRO B 266 -23.85 23.35 -1.77
C PRO B 266 -25.20 23.30 -2.47
N PHE B 267 -25.41 22.29 -3.30
CA PHE B 267 -26.65 22.13 -4.07
C PHE B 267 -27.22 20.75 -3.75
N GLY B 268 -28.17 20.71 -2.80
CA GLY B 268 -28.76 19.45 -2.41
C GLY B 268 -29.73 18.87 -3.42
N GLN B 269 -30.31 19.72 -4.28
CA GLN B 269 -31.23 19.22 -5.30
C GLN B 269 -30.51 18.33 -6.30
N LYS B 270 -29.33 18.74 -6.72
CA LYS B 270 -28.55 17.94 -7.67
C LYS B 270 -27.82 16.83 -6.92
N PRO B 271 -28.02 15.56 -7.29
CA PRO B 271 -27.34 14.47 -6.59
C PRO B 271 -25.93 14.27 -7.10
N ASN B 272 -25.07 13.79 -6.21
CA ASN B 272 -23.69 13.51 -6.58
C ASN B 272 -23.61 12.25 -7.45
N ILE B 273 -22.46 12.07 -8.08
CA ILE B 273 -22.25 10.94 -8.98
C ILE B 273 -22.08 9.67 -8.14
N ASP B 274 -22.91 8.67 -8.42
CA ASP B 274 -22.82 7.37 -7.75
C ASP B 274 -23.17 6.31 -8.79
N VAL B 275 -22.16 5.54 -9.20
CA VAL B 275 -22.34 4.54 -10.24
C VAL B 275 -22.62 3.16 -9.65
N THR B 276 -22.98 3.09 -8.37
CA THR B 276 -23.26 1.80 -7.74
C THR B 276 -24.40 1.08 -8.44
N ASP B 277 -25.48 1.81 -8.75
CA ASP B 277 -26.62 1.20 -9.42
C ASP B 277 -26.23 0.69 -10.80
N ALA B 278 -25.32 1.37 -11.48
CA ALA B 278 -24.89 0.93 -12.81
C ALA B 278 -24.21 -0.43 -12.74
N MET B 279 -23.32 -0.63 -11.76
CA MET B 279 -22.67 -1.93 -11.62
C MET B 279 -23.61 -2.99 -11.04
N VAL B 280 -24.60 -2.58 -10.26
CA VAL B 280 -25.62 -3.55 -9.83
C VAL B 280 -26.41 -4.06 -11.04
N ASP B 281 -26.79 -3.16 -11.95
CA ASP B 281 -27.54 -3.55 -13.13
C ASP B 281 -26.69 -4.20 -14.21
N GLN B 282 -25.37 -4.01 -14.17
CA GLN B 282 -24.47 -4.63 -15.14
C GLN B 282 -23.79 -5.89 -14.60
N ALA B 283 -24.15 -6.31 -13.37
CA ALA B 283 -23.61 -7.53 -12.76
C ALA B 283 -22.09 -7.48 -12.66
N TRP B 284 -21.60 -6.51 -11.89
CA TRP B 284 -20.18 -6.29 -11.68
C TRP B 284 -19.79 -6.94 -10.35
N ASP B 285 -19.07 -8.06 -10.42
CA ASP B 285 -18.57 -8.71 -9.22
C ASP B 285 -17.25 -8.08 -8.81
N ALA B 286 -16.59 -8.67 -7.80
CA ALA B 286 -15.29 -8.18 -7.38
C ALA B 286 -14.25 -8.35 -8.47
N GLN B 287 -14.30 -9.48 -9.18
CA GLN B 287 -13.34 -9.74 -10.24
C GLN B 287 -13.41 -8.68 -11.32
N ARG B 288 -14.62 -8.29 -11.72
CA ARG B 288 -14.77 -7.26 -12.75
C ARG B 288 -14.23 -5.92 -12.27
N ILE B 289 -14.49 -5.56 -11.01
CA ILE B 289 -14.00 -4.29 -10.48
C ILE B 289 -12.48 -4.26 -10.48
N PHE B 290 -11.85 -5.34 -10.02
CA PHE B 290 -10.40 -5.35 -9.96
C PHE B 290 -9.77 -5.46 -11.36
N LYS B 291 -10.44 -6.14 -12.29
CA LYS B 291 -9.95 -6.15 -13.66
C LYS B 291 -10.08 -4.78 -14.31
N GLU B 292 -11.11 -4.02 -13.96
CA GLU B 292 -11.22 -2.65 -14.45
C GLU B 292 -10.12 -1.77 -13.88
N ALA B 293 -9.79 -1.94 -12.59
CA ALA B 293 -8.65 -1.22 -12.03
C ALA B 293 -7.35 -1.59 -12.73
N GLU B 294 -7.16 -2.88 -13.01
CA GLU B 294 -5.97 -3.33 -13.74
C GLU B 294 -5.94 -2.74 -15.14
N LYS B 295 -7.10 -2.66 -15.80
CA LYS B 295 -7.17 -2.05 -17.12
C LYS B 295 -6.79 -0.58 -17.08
N PHE B 296 -7.26 0.12 -16.03
CA PHE B 296 -6.86 1.52 -15.84
C PHE B 296 -5.35 1.64 -15.75
N PHE B 297 -4.72 0.81 -14.90
CA PHE B 297 -3.29 0.91 -14.70
C PHE B 297 -2.51 0.51 -15.94
N VAL B 298 -3.02 -0.44 -16.72
CA VAL B 298 -2.35 -0.81 -17.97
C VAL B 298 -2.48 0.30 -18.99
N SER B 299 -3.67 0.92 -19.08
CA SER B 299 -3.86 2.04 -20.00
C SER B 299 -2.94 3.20 -19.66
N VAL B 300 -2.71 3.43 -18.36
CA VAL B 300 -1.71 4.42 -17.95
C VAL B 300 -0.33 4.02 -18.46
N GLY B 301 -0.02 2.73 -18.46
CA GLY B 301 1.25 2.26 -18.97
C GLY B 301 1.95 1.32 -18.01
N LEU B 302 1.43 1.20 -16.80
CA LEU B 302 2.01 0.36 -15.77
C LEU B 302 1.70 -1.11 -16.04
N PRO B 303 2.50 -2.02 -15.47
CA PRO B 303 2.28 -3.45 -15.74
C PRO B 303 0.95 -3.94 -15.18
N ASN B 304 0.45 -5.00 -15.81
CA ASN B 304 -0.73 -5.68 -15.30
C ASN B 304 -0.37 -6.51 -14.08
N MET B 305 -1.40 -6.97 -13.37
CA MET B 305 -1.20 -7.72 -12.14
C MET B 305 -0.64 -9.10 -12.45
N THR B 306 0.17 -9.61 -11.52
CA THR B 306 0.77 -10.93 -11.68
C THR B 306 -0.30 -12.01 -11.57
N GLN B 307 0.01 -13.18 -12.14
CA GLN B 307 -0.92 -14.30 -12.06
C GLN B 307 -1.14 -14.73 -10.62
N GLY B 308 -0.08 -14.78 -9.83
CA GLY B 308 -0.21 -15.13 -8.43
C GLY B 308 -1.04 -14.15 -7.62
N PHE B 309 -1.19 -12.92 -8.11
CA PHE B 309 -2.09 -11.97 -7.46
C PHE B 309 -3.54 -12.39 -7.65
N TRP B 310 -3.87 -13.04 -8.76
CA TRP B 310 -5.25 -13.41 -9.04
C TRP B 310 -5.65 -14.74 -8.44
N GLU B 311 -4.71 -15.51 -7.89
CA GLU B 311 -5.00 -16.79 -7.26
C GLU B 311 -4.75 -16.79 -5.77
N ASN B 312 -3.72 -16.09 -5.30
CA ASN B 312 -3.37 -16.07 -3.88
C ASN B 312 -4.07 -14.97 -3.11
N SER B 313 -4.61 -13.96 -3.78
CA SER B 313 -5.33 -12.87 -3.12
C SER B 313 -6.83 -13.12 -3.21
N MET B 314 -7.50 -13.02 -2.06
CA MET B 314 -8.95 -13.19 -2.00
C MET B 314 -9.58 -11.81 -1.96
N LEU B 315 -10.54 -11.58 -2.87
CA LEU B 315 -11.15 -10.28 -3.06
C LEU B 315 -12.57 -10.20 -2.53
N THR B 316 -13.16 -11.31 -2.12
CA THR B 316 -14.50 -11.36 -1.58
C THR B 316 -14.47 -11.95 -0.18
N ASP B 317 -15.49 -11.64 0.60
CA ASP B 317 -15.60 -12.18 1.94
C ASP B 317 -15.84 -13.69 1.87
N PRO B 318 -15.01 -14.51 2.51
CA PRO B 318 -15.19 -15.97 2.41
C PRO B 318 -16.43 -16.48 3.12
N GLY B 319 -17.07 -15.66 3.96
CA GLY B 319 -18.26 -16.11 4.68
C GLY B 319 -17.94 -16.56 6.08
N ASN B 320 -18.73 -17.50 6.61
CA ASN B 320 -18.53 -18.04 7.94
C ASN B 320 -17.58 -19.23 7.95
N VAL B 321 -17.14 -19.70 6.78
CA VAL B 321 -16.19 -20.82 6.74
C VAL B 321 -14.85 -20.43 7.35
N GLN B 322 -14.53 -19.13 7.39
CA GLN B 322 -13.31 -18.66 8.02
C GLN B 322 -13.45 -17.17 8.29
N LYS B 323 -13.25 -16.78 9.54
CA LYS B 323 -13.28 -15.36 9.89
C LYS B 323 -12.08 -14.66 9.26
N ALA B 324 -12.32 -13.44 8.77
CA ALA B 324 -11.28 -12.70 8.09
C ALA B 324 -11.34 -11.23 8.48
N VAL B 325 -10.19 -10.64 8.72
CA VAL B 325 -10.06 -9.20 8.93
C VAL B 325 -9.80 -8.59 7.55
N CYS B 326 -10.85 -8.05 6.94
CA CYS B 326 -10.74 -7.60 5.55
C CYS B 326 -10.83 -6.09 5.43
N HIS B 327 -10.20 -5.38 6.35
CA HIS B 327 -9.89 -3.98 6.11
C HIS B 327 -9.05 -3.90 4.85
N PRO B 328 -9.40 -3.06 3.87
CA PRO B 328 -8.71 -3.11 2.58
C PRO B 328 -7.24 -2.76 2.66
N THR B 329 -6.39 -3.75 2.42
CA THR B 329 -4.94 -3.58 2.53
C THR B 329 -4.25 -4.17 1.32
N ALA B 330 -3.10 -3.59 0.99
CA ALA B 330 -2.19 -4.13 -0.02
C ALA B 330 -1.03 -4.82 0.69
N TRP B 331 -0.60 -5.94 0.13
CA TRP B 331 0.35 -6.84 0.77
C TRP B 331 1.49 -7.10 -0.20
N ASP B 332 2.67 -6.57 0.12
CA ASP B 332 3.92 -6.93 -0.55
C ASP B 332 4.58 -7.96 0.35
N LEU B 333 4.25 -9.23 0.14
CA LEU B 333 4.77 -10.29 0.99
C LEU B 333 6.25 -10.53 0.80
N GLY B 334 6.87 -9.93 -0.21
CA GLY B 334 8.24 -10.22 -0.56
C GLY B 334 8.34 -11.41 -1.49
N LYS B 335 9.51 -11.51 -2.13
CA LYS B 335 9.78 -12.57 -3.10
C LYS B 335 8.72 -12.59 -4.21
N GLY B 336 8.35 -11.40 -4.68
CA GLY B 336 7.47 -11.28 -5.81
C GLY B 336 6.01 -11.58 -5.54
N ASP B 337 5.58 -11.58 -4.29
CA ASP B 337 4.20 -11.89 -3.93
C ASP B 337 3.46 -10.61 -3.58
N PHE B 338 2.38 -10.34 -4.32
CA PHE B 338 1.54 -9.17 -4.07
C PHE B 338 0.09 -9.62 -3.98
N ARG B 339 -0.60 -9.18 -2.93
CA ARG B 339 -1.97 -9.61 -2.68
C ARG B 339 -2.77 -8.46 -2.09
N ILE B 340 -4.00 -8.29 -2.55
CA ILE B 340 -4.93 -7.32 -1.98
C ILE B 340 -5.96 -8.07 -1.15
N LEU B 341 -6.16 -7.60 0.09
CA LEU B 341 -7.10 -8.23 1.01
C LEU B 341 -8.18 -7.19 1.33
N MET B 342 -9.39 -7.42 0.83
CA MET B 342 -10.51 -6.55 1.12
C MET B 342 -11.82 -7.26 0.79
N CYS B 343 -12.86 -6.94 1.57
CA CYS B 343 -14.21 -7.45 1.32
C CYS B 343 -14.86 -6.53 0.32
N THR B 344 -14.77 -6.88 -0.96
CA THR B 344 -15.28 -6.02 -2.01
C THR B 344 -16.79 -6.20 -2.16
N LYS B 345 -17.51 -5.10 -2.11
CA LYS B 345 -18.94 -5.06 -2.38
C LYS B 345 -19.19 -4.22 -3.62
N VAL B 346 -20.39 -4.34 -4.16
CA VAL B 346 -20.72 -3.58 -5.36
C VAL B 346 -21.10 -2.16 -4.92
N THR B 347 -20.11 -1.28 -4.85
CA THR B 347 -20.30 0.09 -4.42
C THR B 347 -19.21 0.94 -5.03
N MET B 348 -19.52 2.20 -5.31
CA MET B 348 -18.53 3.10 -5.89
C MET B 348 -17.35 3.31 -4.94
N ASP B 349 -17.61 3.30 -3.63
CA ASP B 349 -16.52 3.42 -2.66
C ASP B 349 -15.56 2.25 -2.77
N ASP B 350 -16.09 1.04 -2.94
CA ASP B 350 -15.25 -0.12 -3.18
C ASP B 350 -14.68 -0.16 -4.59
N PHE B 351 -15.28 0.59 -5.53
CA PHE B 351 -14.70 0.70 -6.86
C PHE B 351 -13.48 1.60 -6.85
N LEU B 352 -13.54 2.72 -6.11
CA LEU B 352 -12.38 3.58 -5.96
C LEU B 352 -11.34 2.99 -5.03
N THR B 353 -11.77 2.22 -4.02
CA THR B 353 -10.81 1.55 -3.14
C THR B 353 -10.00 0.52 -3.90
N ALA B 354 -10.60 -0.12 -4.91
CA ALA B 354 -9.84 -1.05 -5.74
C ALA B 354 -8.71 -0.33 -6.46
N HIS B 355 -8.99 0.85 -7.02
CA HIS B 355 -7.94 1.64 -7.64
C HIS B 355 -6.90 2.09 -6.62
N HIS B 356 -7.35 2.45 -5.41
CA HIS B 356 -6.44 2.92 -4.38
C HIS B 356 -5.46 1.83 -3.96
N GLU B 357 -5.96 0.63 -3.70
CA GLU B 357 -5.09 -0.47 -3.28
C GLU B 357 -4.30 -1.04 -4.46
N MET B 358 -4.86 -0.98 -5.67
CA MET B 358 -4.09 -1.37 -6.85
C MET B 358 -2.87 -0.49 -7.04
N GLY B 359 -2.99 0.81 -6.71
CA GLY B 359 -1.87 1.72 -6.81
C GLY B 359 -0.81 1.52 -5.74
N HIS B 360 -1.19 1.01 -4.58
CA HIS B 360 -0.20 0.65 -3.57
C HIS B 360 0.64 -0.53 -4.02
N ILE B 361 0.01 -1.51 -4.67
CA ILE B 361 0.74 -2.68 -5.14
C ILE B 361 1.69 -2.30 -6.28
N GLN B 362 1.26 -1.39 -7.16
CA GLN B 362 2.08 -1.01 -8.30
C GLN B 362 3.41 -0.41 -7.85
N TYR B 363 3.40 0.36 -6.75
CA TYR B 363 4.65 0.87 -6.18
C TYR B 363 5.56 -0.27 -5.77
N ASP B 364 4.99 -1.30 -5.14
CA ASP B 364 5.79 -2.45 -4.69
C ASP B 364 6.37 -3.22 -5.87
N MET B 365 5.57 -3.46 -6.91
CA MET B 365 6.10 -4.12 -8.10
C MET B 365 7.13 -3.26 -8.80
N ALA B 366 7.04 -1.94 -8.65
CA ALA B 366 8.02 -1.06 -9.26
C ALA B 366 9.37 -1.16 -8.56
N TYR B 367 9.38 -1.13 -7.23
CA TYR B 367 10.65 -1.17 -6.50
C TYR B 367 11.02 -2.56 -6.00
N ALA B 368 10.37 -3.61 -6.51
CA ALA B 368 10.71 -4.97 -6.10
C ALA B 368 12.15 -5.36 -6.43
N ALA B 369 12.80 -4.64 -7.33
CA ALA B 369 14.19 -4.94 -7.68
C ALA B 369 15.19 -4.27 -6.75
N GLN B 370 14.73 -3.49 -5.78
CA GLN B 370 15.60 -2.82 -4.84
C GLN B 370 16.03 -3.76 -3.72
N PRO B 371 17.11 -3.44 -3.01
CA PRO B 371 17.45 -4.20 -1.80
C PRO B 371 16.33 -4.09 -0.78
N PHE B 372 16.32 -5.02 0.17
CA PHE B 372 15.20 -5.13 1.10
C PHE B 372 14.98 -3.85 1.88
N LEU B 373 16.07 -3.25 2.39
CA LEU B 373 15.93 -2.05 3.21
C LEU B 373 15.50 -0.84 2.40
N LEU B 374 15.75 -0.85 1.08
CA LEU B 374 15.38 0.27 0.22
C LEU B 374 14.04 0.07 -0.47
N ARG B 375 13.34 -1.04 -0.18
CA ARG B 375 12.04 -1.31 -0.80
C ARG B 375 10.96 -0.61 0.02
N ASN B 376 10.81 0.68 -0.25
CA ASN B 376 9.80 1.51 0.40
C ASN B 376 9.60 2.76 -0.43
N GLY B 377 8.70 3.63 0.01
CA GLY B 377 8.56 4.92 -0.61
C GLY B 377 9.76 5.80 -0.35
N ALA B 378 9.89 6.86 -1.15
CA ALA B 378 11.02 7.76 -1.01
C ALA B 378 11.06 8.38 0.39
N ASN B 379 9.90 8.79 0.90
CA ASN B 379 9.74 9.11 2.30
C ASN B 379 8.41 8.51 2.76
N GLU B 380 8.03 8.80 4.01
CA GLU B 380 6.85 8.15 4.59
C GLU B 380 5.55 8.58 3.92
N GLY B 381 5.55 9.70 3.19
CA GLY B 381 4.33 10.17 2.57
C GLY B 381 4.19 9.82 1.11
N PHE B 382 5.24 9.26 0.51
CA PHE B 382 5.19 8.96 -0.92
C PHE B 382 4.24 7.83 -1.24
N HIS B 383 4.23 6.78 -0.42
CA HIS B 383 3.45 5.58 -0.74
C HIS B 383 1.96 5.87 -0.71
N GLU B 384 1.48 6.52 0.35
CA GLU B 384 0.07 6.83 0.46
C GLU B 384 -0.34 7.91 -0.53
N ALA B 385 0.55 8.85 -0.86
CA ALA B 385 0.24 9.83 -1.89
C ALA B 385 0.09 9.17 -3.24
N VAL B 386 0.96 8.22 -3.57
CA VAL B 386 0.83 7.48 -4.83
C VAL B 386 -0.47 6.69 -4.86
N GLY B 387 -0.82 6.08 -3.72
CA GLY B 387 -2.10 5.38 -3.65
C GLY B 387 -3.29 6.31 -3.85
N GLU B 388 -3.21 7.53 -3.31
CA GLU B 388 -4.36 8.44 -3.32
C GLU B 388 -4.58 9.12 -4.66
N ILE B 389 -3.59 9.17 -5.54
CA ILE B 389 -3.80 9.81 -6.83
C ILE B 389 -4.53 8.90 -7.81
N MET B 390 -4.53 7.58 -7.55
CA MET B 390 -5.19 6.66 -8.46
C MET B 390 -6.70 6.71 -8.31
N SER B 391 -7.20 7.04 -7.12
CA SER B 391 -8.62 7.26 -6.92
C SER B 391 -9.08 8.66 -7.34
N LEU B 392 -8.14 9.59 -7.53
CA LEU B 392 -8.52 10.91 -8.04
C LEU B 392 -8.98 10.81 -9.49
N SER B 393 -8.24 10.08 -10.31
CA SER B 393 -8.61 9.89 -11.71
C SER B 393 -9.76 8.90 -11.88
N ALA B 394 -9.83 7.89 -11.01
CA ALA B 394 -10.87 6.87 -11.13
C ALA B 394 -12.25 7.48 -10.92
N ALA B 395 -12.39 8.40 -9.98
CA ALA B 395 -13.67 9.01 -9.67
C ALA B 395 -14.06 10.09 -10.68
N THR B 396 -13.17 10.45 -11.59
CA THR B 396 -13.47 11.49 -12.57
C THR B 396 -14.58 11.01 -13.51
N PRO B 397 -15.58 11.85 -13.80
CA PRO B 397 -16.66 11.42 -14.70
C PRO B 397 -16.19 11.01 -16.09
N LYS B 398 -15.07 11.56 -16.56
CA LYS B 398 -14.53 11.09 -17.85
C LYS B 398 -14.15 9.63 -17.79
N HIS B 399 -13.51 9.20 -16.70
CA HIS B 399 -13.17 7.79 -16.54
C HIS B 399 -14.42 6.94 -16.38
N LEU B 400 -15.42 7.45 -15.65
CA LEU B 400 -16.66 6.71 -15.49
C LEU B 400 -17.47 6.66 -16.77
N LYS B 401 -17.33 7.65 -17.65
CA LYS B 401 -17.99 7.63 -18.95
C LYS B 401 -17.27 6.78 -19.97
N SER B 402 -16.01 6.41 -19.72
CA SER B 402 -15.24 5.61 -20.65
C SER B 402 -15.39 4.12 -20.39
N ILE B 403 -15.70 3.72 -19.16
CA ILE B 403 -15.89 2.32 -18.82
C ILE B 403 -17.35 1.91 -18.86
N GLY B 404 -18.24 2.81 -19.28
CA GLY B 404 -19.66 2.51 -19.35
C GLY B 404 -20.40 2.58 -18.04
N LEU B 405 -19.74 2.96 -16.95
CA LEU B 405 -20.38 3.04 -15.65
C LEU B 405 -21.23 4.30 -15.49
N LEU B 406 -21.09 5.26 -16.39
CA LEU B 406 -21.86 6.50 -16.33
C LEU B 406 -22.47 6.76 -17.69
N SER B 407 -23.67 7.33 -17.70
CA SER B 407 -24.37 7.58 -18.94
C SER B 407 -23.60 8.56 -19.80
N PRO B 408 -23.41 8.29 -21.10
CA PRO B 408 -22.67 9.23 -21.95
C PRO B 408 -23.35 10.57 -22.12
N ASP B 409 -24.65 10.67 -21.80
CA ASP B 409 -25.39 11.93 -21.90
C ASP B 409 -25.49 12.64 -20.56
N PHE B 410 -24.74 12.18 -19.55
CA PHE B 410 -24.77 12.84 -18.25
C PHE B 410 -24.27 14.27 -18.37
N GLN B 411 -25.01 15.20 -17.75
CA GLN B 411 -24.71 16.62 -17.85
C GLN B 411 -23.79 17.01 -16.69
N GLU B 412 -22.50 17.13 -16.99
CA GLU B 412 -21.53 17.60 -16.01
C GLU B 412 -21.51 19.13 -16.05
N ASP B 413 -22.14 19.76 -15.07
CA ASP B 413 -22.26 21.21 -15.00
C ASP B 413 -21.44 21.74 -13.83
N ASN B 414 -21.54 23.05 -13.60
CA ASN B 414 -20.78 23.68 -12.54
C ASN B 414 -21.31 23.33 -11.16
N GLU B 415 -22.59 23.00 -11.03
CA GLU B 415 -23.15 22.66 -9.74
C GLU B 415 -22.59 21.34 -9.21
N THR B 416 -22.56 20.31 -10.07
CA THR B 416 -21.99 19.04 -9.69
C THR B 416 -20.49 19.16 -9.42
N GLU B 417 -19.80 20.00 -10.21
CA GLU B 417 -18.38 20.23 -9.97
C GLU B 417 -18.14 20.83 -8.59
N ILE B 418 -18.95 21.82 -8.21
CA ILE B 418 -18.80 22.46 -6.91
C ILE B 418 -19.14 21.48 -5.80
N ASN B 419 -20.17 20.65 -5.99
CA ASN B 419 -20.52 19.65 -4.98
C ASN B 419 -19.36 18.67 -4.77
N PHE B 420 -18.79 18.17 -5.86
CA PHE B 420 -17.67 17.24 -5.76
C PHE B 420 -16.46 17.89 -5.11
N LEU B 421 -16.17 19.15 -5.47
CA LEU B 421 -15.02 19.84 -4.90
C LEU B 421 -15.22 20.10 -3.41
N LEU B 422 -16.45 20.45 -3.00
CA LEU B 422 -16.73 20.64 -1.59
C LEU B 422 -16.58 19.34 -0.81
N LYS B 423 -17.06 18.23 -1.38
CA LYS B 423 -16.89 16.94 -0.73
C LYS B 423 -15.43 16.58 -0.60
N GLN B 424 -14.63 16.86 -1.64
CA GLN B 424 -13.20 16.58 -1.58
C GLN B 424 -12.50 17.45 -0.55
N ALA B 425 -12.89 18.73 -0.48
CA ALA B 425 -12.21 19.65 0.44
C ALA B 425 -12.59 19.39 1.89
N LEU B 426 -13.77 18.82 2.13
CA LEU B 426 -14.14 18.48 3.50
C LEU B 426 -13.20 17.43 4.07
N THR B 427 -12.80 16.45 3.27
CA THR B 427 -11.91 15.39 3.74
C THR B 427 -10.44 15.74 3.59
N ILE B 428 -10.08 16.53 2.57
CA ILE B 428 -8.68 16.77 2.23
C ILE B 428 -8.19 18.08 2.84
N VAL B 429 -8.89 19.18 2.58
CA VAL B 429 -8.47 20.47 3.12
C VAL B 429 -8.74 20.54 4.62
N GLY B 430 -9.83 19.94 5.09
CA GLY B 430 -10.20 20.03 6.49
C GLY B 430 -9.28 19.25 7.43
N THR B 431 -8.52 18.31 6.90
CA THR B 431 -7.62 17.50 7.73
C THR B 431 -6.21 18.05 7.80
N LEU B 432 -5.90 19.10 7.04
CA LEU B 432 -4.55 19.63 6.99
C LEU B 432 -4.24 20.50 8.20
N PRO B 433 -5.10 21.45 8.58
CA PRO B 433 -4.85 22.17 9.84
C PRO B 433 -4.80 21.27 11.05
N PHE B 434 -5.66 20.24 11.08
CA PHE B 434 -5.67 19.30 12.20
C PHE B 434 -4.34 18.55 12.29
N THR B 435 -3.87 18.03 11.15
CA THR B 435 -2.62 17.28 11.13
C THR B 435 -1.44 18.17 11.51
N TYR B 436 -1.39 19.38 10.93
CA TYR B 436 -0.30 20.30 11.24
C TYR B 436 -0.30 20.69 12.71
N MET B 437 -1.49 20.98 13.26
CA MET B 437 -1.62 21.32 14.67
C MET B 437 -1.14 20.17 15.57
N LEU B 438 -1.62 18.96 15.31
CA LEU B 438 -1.25 17.83 16.15
C LEU B 438 0.25 17.56 16.10
N GLU B 439 0.83 17.62 14.90
CA GLU B 439 2.26 17.36 14.77
C GLU B 439 3.08 18.47 15.42
N LYS B 440 2.65 19.73 15.30
CA LYS B 440 3.36 20.81 15.97
C LYS B 440 3.32 20.65 17.48
N TRP B 441 2.14 20.31 18.02
CA TRP B 441 2.00 20.11 19.45
C TRP B 441 2.92 18.98 19.93
N ARG B 442 2.90 17.85 19.22
CA ARG B 442 3.77 16.74 19.61
C ARG B 442 5.24 17.12 19.48
N TRP B 443 5.59 17.83 18.40
CA TRP B 443 6.98 18.17 18.13
C TRP B 443 7.57 19.03 19.22
N MET B 444 6.83 20.04 19.68
CA MET B 444 7.39 20.91 20.71
C MET B 444 6.85 20.59 22.11
N VAL B 445 6.14 19.48 22.28
CA VAL B 445 6.04 18.84 23.58
C VAL B 445 7.24 17.93 23.81
N PHE B 446 7.64 17.18 22.77
CA PHE B 446 8.88 16.40 22.87
C PHE B 446 10.09 17.30 23.04
N LYS B 447 10.10 18.46 22.37
CA LYS B 447 11.21 19.39 22.47
C LYS B 447 11.33 20.03 23.85
N GLY B 448 10.31 19.89 24.70
CA GLY B 448 10.34 20.53 26.00
C GLY B 448 9.89 21.97 26.02
N GLU B 449 9.37 22.49 24.92
CA GLU B 449 8.86 23.85 24.88
C GLU B 449 7.54 24.01 25.63
N ILE B 450 6.82 22.92 25.87
CA ILE B 450 5.57 22.95 26.62
C ILE B 450 5.75 22.14 27.90
N PRO B 451 5.79 22.79 29.07
CA PRO B 451 5.88 22.03 30.32
C PRO B 451 4.64 21.17 30.53
N LYS B 452 4.83 20.08 31.28
CA LYS B 452 3.75 19.13 31.50
C LYS B 452 2.56 19.76 32.20
N ASP B 453 2.73 20.90 32.86
CA ASP B 453 1.63 21.64 33.46
C ASP B 453 0.95 22.57 32.48
N GLN B 454 1.39 22.61 31.22
CA GLN B 454 0.79 23.44 30.19
C GLN B 454 0.37 22.63 28.97
N TRP B 455 0.26 21.31 29.10
CA TRP B 455 -0.06 20.47 27.94
C TRP B 455 -1.48 20.73 27.43
N MET B 456 -2.46 20.70 28.33
CA MET B 456 -3.85 20.86 27.89
C MET B 456 -4.19 22.31 27.56
N LYS B 457 -3.56 23.26 28.23
CA LYS B 457 -3.76 24.65 27.88
C LYS B 457 -3.22 24.95 26.49
N LYS B 458 -1.98 24.52 26.22
CA LYS B 458 -1.36 24.77 24.93
C LYS B 458 -2.10 24.04 23.81
N TRP B 459 -2.51 22.80 24.05
CA TRP B 459 -3.20 22.03 23.01
C TRP B 459 -4.49 22.72 22.57
N TRP B 460 -5.29 23.17 23.52
CA TRP B 460 -6.54 23.84 23.17
C TRP B 460 -6.28 25.23 22.60
N GLU B 461 -5.22 25.90 23.03
CA GLU B 461 -4.86 27.16 22.40
C GLU B 461 -4.50 26.94 20.92
N MET B 462 -3.78 25.86 20.62
CA MET B 462 -3.52 25.51 19.23
C MET B 462 -4.82 25.23 18.49
N LYS B 463 -5.74 24.49 19.12
CA LYS B 463 -6.99 24.18 18.46
C LYS B 463 -7.76 25.43 18.09
N ARG B 464 -7.81 26.41 18.99
CA ARG B 464 -8.51 27.66 18.70
C ARG B 464 -7.77 28.48 17.65
N GLU B 465 -6.43 28.50 17.70
CA GLU B 465 -5.68 29.39 16.81
C GLU B 465 -5.50 28.79 15.42
N ILE B 466 -4.82 27.65 15.32
CA ILE B 466 -4.51 27.05 14.03
C ILE B 466 -5.78 26.51 13.37
N VAL B 467 -6.59 25.76 14.11
CA VAL B 467 -7.71 25.05 13.51
C VAL B 467 -9.03 25.80 13.64
N GLY B 468 -9.13 26.78 14.54
CA GLY B 468 -10.39 27.44 14.76
C GLY B 468 -11.44 26.55 15.39
N VAL B 469 -11.04 25.73 16.36
CA VAL B 469 -11.93 24.80 17.04
C VAL B 469 -11.88 25.10 18.54
N VAL B 470 -13.04 25.27 19.15
CA VAL B 470 -13.16 25.62 20.57
C VAL B 470 -13.74 24.43 21.32
N GLU B 471 -13.20 24.17 22.50
CA GLU B 471 -13.67 23.06 23.31
C GLU B 471 -15.07 23.34 23.84
N PRO B 472 -15.97 22.36 23.82
CA PRO B 472 -17.31 22.58 24.39
C PRO B 472 -17.29 22.88 25.88
N VAL B 473 -16.41 22.22 26.62
CA VAL B 473 -16.34 22.36 28.08
C VAL B 473 -14.86 22.40 28.45
N PRO B 474 -14.42 23.42 29.23
CA PRO B 474 -13.02 23.59 29.56
C PRO B 474 -12.40 22.31 30.10
N HIS B 475 -11.11 22.12 29.83
CA HIS B 475 -10.45 20.95 30.40
C HIS B 475 -9.22 21.41 31.19
N ASP B 476 -9.13 20.96 32.44
CA ASP B 476 -7.92 21.20 33.22
C ASP B 476 -6.88 20.14 32.86
N GLU B 477 -5.84 20.01 33.67
CA GLU B 477 -4.63 19.29 33.27
C GLU B 477 -4.57 17.86 33.80
N THR B 478 -5.71 17.17 33.88
CA THR B 478 -5.68 15.72 34.04
C THR B 478 -6.07 14.99 32.78
N TYR B 479 -6.71 15.67 31.84
CA TYR B 479 -7.09 15.08 30.57
C TYR B 479 -5.86 14.93 29.67
N CYS B 480 -5.96 13.99 28.72
CA CYS B 480 -5.01 13.88 27.61
C CYS B 480 -5.86 13.76 26.33
N ASP B 481 -6.28 14.90 25.80
CA ASP B 481 -7.07 14.88 24.57
C ASP B 481 -6.28 14.32 23.38
N PRO B 482 -5.03 14.72 23.12
CA PRO B 482 -4.30 14.08 22.01
C PRO B 482 -4.24 12.57 22.11
N ALA B 483 -4.04 12.04 23.32
CA ALA B 483 -3.98 10.60 23.50
C ALA B 483 -5.29 9.91 23.15
N SER B 484 -6.39 10.69 23.05
CA SER B 484 -7.66 10.13 22.61
C SER B 484 -7.62 9.69 21.15
N LEU B 485 -6.63 10.12 20.40
CA LEU B 485 -6.47 9.71 19.01
C LEU B 485 -5.64 8.44 18.93
N PHE B 486 -5.88 7.66 17.87
CA PHE B 486 -5.19 6.39 17.71
C PHE B 486 -3.68 6.58 17.54
N HIS B 487 -3.29 7.53 16.68
CA HIS B 487 -1.88 7.67 16.34
C HIS B 487 -1.07 8.20 17.51
N VAL B 488 -1.63 9.14 18.29
CA VAL B 488 -0.90 9.71 19.41
C VAL B 488 -0.65 8.66 20.48
N SER B 489 -1.66 7.87 20.81
CA SER B 489 -1.55 6.88 21.87
C SER B 489 -0.98 5.55 21.39
N ASN B 490 -0.74 5.39 20.09
CA ASN B 490 -0.12 4.18 19.56
C ASN B 490 1.19 4.48 18.86
N ASP B 491 1.82 5.62 19.16
CA ASP B 491 3.18 5.93 18.72
C ASP B 491 3.30 5.91 17.19
N TYR B 492 2.58 6.83 16.54
CA TYR B 492 2.63 6.96 15.10
C TYR B 492 2.81 8.43 14.73
N SER B 493 3.78 8.70 13.85
CA SER B 493 3.97 10.06 13.36
C SER B 493 2.78 10.47 12.51
N PHE B 494 2.40 11.75 12.62
CA PHE B 494 1.20 12.24 11.96
C PHE B 494 1.50 13.13 10.76
N ILE B 495 2.74 13.58 10.58
CA ILE B 495 3.04 14.50 9.48
C ILE B 495 3.00 13.79 8.13
N ARG B 496 3.07 12.46 8.13
CA ARG B 496 2.96 11.71 6.88
C ARG B 496 1.62 11.95 6.20
N TYR B 497 0.60 12.36 6.94
CA TYR B 497 -0.72 12.67 6.38
C TYR B 497 -0.83 14.10 5.91
N TYR B 498 0.16 14.96 6.22
CA TYR B 498 0.21 16.31 5.68
C TYR B 498 0.98 16.32 4.36
N THR B 499 2.25 15.88 4.40
CA THR B 499 3.07 15.89 3.20
C THR B 499 2.43 15.08 2.08
N ARG B 500 1.85 13.93 2.41
CA ARG B 500 1.13 13.14 1.41
C ARG B 500 0.10 13.99 0.70
N THR B 501 -0.72 14.74 1.45
CA THR B 501 -1.74 15.56 0.83
C THR B 501 -1.14 16.60 -0.10
N LEU B 502 0.07 17.05 0.20
CA LEU B 502 0.74 17.98 -0.69
C LEU B 502 1.46 17.26 -1.82
N TYR B 503 1.91 16.02 -1.59
CA TYR B 503 2.50 15.24 -2.68
C TYR B 503 1.43 14.78 -3.66
N GLN B 504 0.25 14.40 -3.15
CA GLN B 504 -0.77 13.79 -3.98
C GLN B 504 -1.21 14.71 -5.11
N PHE B 505 -1.42 15.99 -4.81
CA PHE B 505 -1.76 16.94 -5.86
C PHE B 505 -0.54 17.42 -6.63
N GLN B 506 0.67 17.22 -6.10
CA GLN B 506 1.86 17.54 -6.87
C GLN B 506 2.08 16.53 -7.99
N PHE B 507 1.86 15.25 -7.70
CA PHE B 507 1.95 14.22 -8.74
C PHE B 507 0.83 14.39 -9.75
N GLN B 508 -0.41 14.58 -9.28
CA GLN B 508 -1.55 14.67 -10.17
C GLN B 508 -1.42 15.83 -11.15
N GLU B 509 -0.95 16.98 -10.66
CA GLU B 509 -0.68 18.10 -11.57
C GLU B 509 0.44 17.76 -12.54
N ALA B 510 1.47 17.07 -12.07
CA ALA B 510 2.59 16.71 -12.94
C ALA B 510 2.18 15.66 -13.97
N LEU B 511 1.37 14.69 -13.57
CA LEU B 511 0.93 13.66 -14.50
C LEU B 511 -0.06 14.22 -15.51
N CYS B 512 -1.01 15.02 -15.06
CA CYS B 512 -2.01 15.60 -15.97
C CYS B 512 -1.34 16.51 -16.99
N GLN B 513 -0.37 17.32 -16.55
CA GLN B 513 0.43 18.10 -17.50
C GLN B 513 1.15 17.19 -18.49
N ALA B 514 1.59 16.02 -18.04
CA ALA B 514 2.19 15.04 -18.95
C ALA B 514 1.14 14.38 -19.83
N ALA B 515 -0.12 14.37 -19.40
CA ALA B 515 -1.19 13.77 -20.19
C ALA B 515 -1.81 14.76 -21.17
N LYS B 516 -1.30 15.99 -21.24
CA LYS B 516 -1.83 17.03 -22.10
C LYS B 516 -3.30 17.32 -21.82
N HIS B 517 -3.69 17.21 -20.54
CA HIS B 517 -5.06 17.49 -20.14
C HIS B 517 -5.33 18.98 -20.23
N GLU B 518 -6.47 19.34 -20.82
CA GLU B 518 -6.89 20.73 -20.96
C GLU B 518 -8.15 20.94 -20.15
N GLY B 519 -8.14 21.96 -19.30
CA GLY B 519 -9.27 22.26 -18.46
C GLY B 519 -8.91 22.20 -16.98
N PRO B 520 -9.92 22.18 -16.12
CA PRO B 520 -9.67 22.10 -14.68
C PRO B 520 -8.93 20.82 -14.32
N LEU B 521 -8.08 20.93 -13.29
CA LEU B 521 -7.27 19.78 -12.87
C LEU B 521 -8.12 18.71 -12.20
N HIS B 522 -9.21 19.10 -11.54
CA HIS B 522 -10.03 18.12 -10.85
C HIS B 522 -10.77 17.20 -11.81
N LYS B 523 -11.02 17.67 -13.04
CA LYS B 523 -11.64 16.83 -14.08
C LYS B 523 -10.58 16.18 -14.95
N CYS B 524 -9.62 15.50 -14.34
CA CYS B 524 -8.49 14.94 -15.07
C CYS B 524 -8.34 13.45 -14.74
N ASP B 525 -8.20 12.64 -15.77
CA ASP B 525 -7.80 11.24 -15.64
C ASP B 525 -6.55 11.01 -16.48
N ILE B 526 -5.64 10.20 -15.95
CA ILE B 526 -4.37 9.95 -16.63
C ILE B 526 -4.49 8.67 -17.44
N SER B 527 -5.72 8.25 -17.70
CA SER B 527 -5.95 7.06 -18.52
C SER B 527 -5.49 7.30 -19.95
N ASN B 528 -4.97 6.25 -20.57
CA ASN B 528 -4.48 6.27 -21.95
C ASN B 528 -3.35 7.28 -22.14
N SER B 529 -2.62 7.61 -21.08
CA SER B 529 -1.55 8.59 -21.12
C SER B 529 -0.27 7.90 -20.66
N THR B 530 0.45 7.31 -21.61
CA THR B 530 1.71 6.65 -21.28
C THR B 530 2.76 7.66 -20.84
N GLU B 531 2.69 8.89 -21.33
CA GLU B 531 3.66 9.91 -20.94
C GLU B 531 3.58 10.26 -19.46
N ALA B 532 2.44 10.04 -18.82
CA ALA B 532 2.33 10.23 -17.38
C ALA B 532 2.72 8.98 -16.61
N GLY B 533 2.36 7.80 -17.14
CA GLY B 533 2.76 6.56 -16.50
C GLY B 533 4.26 6.38 -16.45
N GLN B 534 4.97 6.80 -17.50
CA GLN B 534 6.42 6.71 -17.50
C GLN B 534 7.04 7.61 -16.43
N LYS B 535 6.53 8.84 -16.31
CA LYS B 535 7.03 9.74 -15.28
C LYS B 535 6.76 9.20 -13.89
N LEU B 536 5.57 8.63 -13.68
CA LEU B 536 5.25 8.03 -12.39
C LEU B 536 6.17 6.84 -12.09
N PHE B 537 6.37 5.96 -13.08
CA PHE B 537 7.18 4.77 -12.87
C PHE B 537 8.64 5.11 -12.63
N ASN B 538 9.15 6.18 -13.24
CA ASN B 538 10.54 6.57 -13.03
C ASN B 538 10.81 6.94 -11.57
N MET B 539 9.79 7.39 -10.84
CA MET B 539 9.92 7.62 -9.40
C MET B 539 9.59 6.37 -8.60
N LEU B 540 8.58 5.62 -9.02
CA LEU B 540 8.16 4.44 -8.27
C LEU B 540 9.27 3.39 -8.21
N ARG B 541 9.99 3.20 -9.32
CA ARG B 541 11.00 2.16 -9.40
C ARG B 541 12.22 2.42 -8.50
N LEU B 542 12.40 3.65 -8.02
CA LEU B 542 13.59 3.97 -7.25
C LEU B 542 13.52 3.37 -5.84
N GLY B 543 12.36 3.43 -5.20
CA GLY B 543 12.28 3.03 -3.81
C GLY B 543 12.95 4.08 -2.94
N LYS B 544 13.76 3.62 -1.98
CA LYS B 544 14.55 4.51 -1.15
C LYS B 544 15.97 4.67 -1.66
N SER B 545 16.26 4.17 -2.86
CA SER B 545 17.63 4.23 -3.40
C SER B 545 18.07 5.67 -3.63
N GLU B 546 17.15 6.58 -3.91
CA GLU B 546 17.47 7.97 -4.17
C GLU B 546 16.77 8.87 -3.17
N PRO B 547 17.30 10.06 -2.91
CA PRO B 547 16.66 10.97 -1.96
C PRO B 547 15.25 11.33 -2.39
N TRP B 548 14.38 11.54 -1.40
CA TRP B 548 12.99 11.87 -1.70
C TRP B 548 12.89 13.19 -2.47
N THR B 549 13.87 14.09 -2.31
CA THR B 549 13.88 15.31 -3.11
C THR B 549 14.13 15.00 -4.59
N LEU B 550 15.09 14.12 -4.87
CA LEU B 550 15.34 13.71 -6.25
C LEU B 550 14.14 12.95 -6.82
N ALA B 551 13.54 12.07 -6.02
CA ALA B 551 12.37 11.33 -6.48
C ALA B 551 11.21 12.27 -6.76
N LEU B 552 11.05 13.31 -5.94
CA LEU B 552 10.02 14.32 -6.21
C LEU B 552 10.31 15.05 -7.51
N GLU B 553 11.56 15.50 -7.70
CA GLU B 553 11.92 16.22 -8.92
C GLU B 553 11.72 15.36 -10.16
N ASN B 554 11.88 14.05 -10.04
CA ASN B 554 11.72 13.16 -11.19
C ASN B 554 10.33 13.27 -11.79
N VAL B 555 9.32 13.57 -10.98
CA VAL B 555 7.94 13.70 -11.46
C VAL B 555 7.53 15.16 -11.61
N VAL B 556 7.65 15.94 -10.54
CA VAL B 556 7.08 17.29 -10.54
C VAL B 556 8.07 18.35 -11.02
N GLY B 557 9.35 18.01 -11.16
CA GLY B 557 10.34 18.98 -11.58
C GLY B 557 10.83 19.90 -10.48
N ALA B 558 10.32 19.75 -9.26
CA ALA B 558 10.73 20.56 -8.12
C ALA B 558 11.31 19.65 -7.04
N LYS B 559 12.29 20.18 -6.31
CA LYS B 559 12.98 19.42 -5.28
C LYS B 559 12.26 19.43 -3.93
N ASN B 560 11.24 20.27 -3.78
CA ASN B 560 10.64 20.50 -2.47
C ASN B 560 9.13 20.34 -2.54
N MET B 561 8.54 20.10 -1.38
CA MET B 561 7.10 20.02 -1.25
C MET B 561 6.47 21.37 -1.59
N ASN B 562 5.34 21.33 -2.30
CA ASN B 562 4.72 22.54 -2.80
C ASN B 562 3.21 22.44 -2.62
N VAL B 563 2.56 23.60 -2.57
CA VAL B 563 1.12 23.67 -2.30
C VAL B 563 0.34 24.23 -3.48
N ARG B 564 0.98 24.92 -4.42
CA ARG B 564 0.26 25.46 -5.57
C ARG B 564 -0.51 24.39 -6.35
N PRO B 565 0.00 23.18 -6.58
CA PRO B 565 -0.86 22.16 -7.19
C PRO B 565 -2.11 21.86 -6.37
N LEU B 566 -2.02 21.87 -5.03
CA LEU B 566 -3.19 21.64 -4.21
C LEU B 566 -4.19 22.77 -4.35
N LEU B 567 -3.73 24.02 -4.35
CA LEU B 567 -4.63 25.15 -4.50
C LEU B 567 -5.21 25.25 -5.90
N ASN B 568 -4.48 24.78 -6.91
CA ASN B 568 -5.01 24.74 -8.26
C ASN B 568 -6.15 23.74 -8.38
N TYR B 569 -6.05 22.61 -7.64
CA TYR B 569 -7.10 21.61 -7.67
C TYR B 569 -8.43 22.17 -7.17
N PHE B 570 -8.40 22.94 -6.09
CA PHE B 570 -9.59 23.53 -5.50
C PHE B 570 -9.86 24.94 -5.98
N GLU B 571 -9.29 25.33 -7.12
CA GLU B 571 -9.53 26.67 -7.65
C GLU B 571 -11.01 26.94 -7.96
N PRO B 572 -11.75 26.06 -8.63
CA PRO B 572 -13.19 26.34 -8.83
C PRO B 572 -13.95 26.49 -7.53
N LEU B 573 -13.60 25.74 -6.50
CA LEU B 573 -14.29 25.86 -5.22
C LEU B 573 -13.88 27.13 -4.48
N PHE B 574 -12.61 27.52 -4.57
CA PHE B 574 -12.13 28.70 -3.86
C PHE B 574 -12.86 29.95 -4.33
N THR B 575 -13.05 30.10 -5.65
CA THR B 575 -13.80 31.24 -6.16
C THR B 575 -15.25 31.19 -5.68
N TRP B 576 -15.87 30.01 -5.74
CA TRP B 576 -17.24 29.87 -5.28
C TRP B 576 -17.36 30.12 -3.78
N LEU B 577 -16.40 29.64 -3.00
CA LEU B 577 -16.41 29.90 -1.56
C LEU B 577 -16.26 31.38 -1.27
N LYS B 578 -15.37 32.07 -2.01
CA LYS B 578 -15.19 33.50 -1.81
C LYS B 578 -16.46 34.27 -2.17
N ASP B 579 -17.14 33.86 -3.24
CA ASP B 579 -18.40 34.50 -3.59
C ASP B 579 -19.47 34.22 -2.54
N GLN B 580 -19.47 33.01 -1.97
CA GLN B 580 -20.47 32.64 -0.97
C GLN B 580 -20.21 33.27 0.38
N ASN B 581 -18.99 33.74 0.64
CA ASN B 581 -18.63 34.33 1.93
C ASN B 581 -18.53 35.84 1.87
N LYS B 582 -19.12 36.47 0.85
CA LYS B 582 -19.05 37.92 0.74
C LYS B 582 -19.84 38.61 1.86
N ASN B 583 -20.93 38.00 2.32
CA ASN B 583 -21.76 38.57 3.36
C ASN B 583 -21.51 37.96 4.74
N SER B 584 -20.45 37.16 4.87
CA SER B 584 -20.12 36.50 6.12
C SER B 584 -18.69 36.84 6.52
N PHE B 585 -18.34 36.50 7.75
CA PHE B 585 -17.01 36.76 8.28
C PHE B 585 -16.10 35.57 8.01
N VAL B 586 -14.92 35.85 7.46
CA VAL B 586 -13.92 34.82 7.17
C VAL B 586 -12.85 34.92 8.26
N GLY B 587 -12.67 33.82 9.00
CA GLY B 587 -11.75 33.81 10.12
C GLY B 587 -12.47 33.58 11.43
N TRP B 588 -11.73 33.27 12.48
CA TRP B 588 -12.30 32.98 13.78
C TRP B 588 -11.69 33.88 14.85
N SER B 589 -12.50 34.20 15.85
CA SER B 589 -12.07 35.05 16.96
C SER B 589 -11.82 34.19 18.19
N THR B 590 -10.64 34.34 18.78
CA THR B 590 -10.26 33.56 19.94
C THR B 590 -10.53 34.34 21.23
C1 NAG C . 27.14 -0.01 -7.31
C2 NAG C . 27.18 1.23 -8.21
C3 NAG C . 27.93 0.99 -9.46
C4 NAG C . 27.43 -0.18 -10.22
C5 NAG C . 27.18 -1.44 -9.37
C6 NAG C . 28.44 -2.23 -9.28
C7 NAG C . 25.11 2.68 -7.79
C8 NAG C . 23.71 3.07 -8.14
N2 NAG C . 25.79 1.63 -8.56
O1 NAG C . 28.42 -0.26 -6.84
O3 NAG C . 29.36 0.79 -9.13
O4 NAG C . 26.18 0.18 -10.86
O5 NAG C . 26.63 -1.20 -8.01
O6 NAG C . 28.78 -2.71 -10.58
O7 NAG C . 25.67 3.23 -6.91
C1 NAG D . -6.09 -23.95 7.46
C2 NAG D . -6.76 -25.23 6.91
C3 NAG D . -6.47 -26.40 7.78
C4 NAG D . -6.89 -26.17 9.19
C5 NAG D . -6.43 -24.84 9.78
C6 NAG D . -5.05 -24.97 10.35
C7 NAG D . -9.00 -25.53 5.71
C8 NAG D . -10.48 -25.32 5.66
N2 NAG D . -8.23 -25.03 6.86
O1 NAG D . -4.72 -24.07 7.35
O3 NAG D . -5.04 -26.72 7.72
O4 NAG D . -8.32 -26.23 9.27
O5 NAG D . -6.46 -23.67 8.85
O6 NAG D . -5.09 -26.00 11.35
O7 NAG D . -8.45 -26.10 4.83
C1 NAG E . -1.91 -10.16 -21.21
C2 NAG E . -1.91 -8.63 -20.99
C3 NAG E . -1.12 -7.93 -22.02
C4 NAG E . -1.55 -8.26 -23.40
C5 NAG E . -1.71 -9.76 -23.68
C6 NAG E . -0.38 -10.36 -24.04
C7 NAG E . -3.71 -7.13 -20.00
C8 NAG E . -5.11 -6.59 -19.99
N2 NAG E . -3.30 -8.11 -21.01
O1 NAG E . -0.66 -10.66 -20.94
O3 NAG E . 0.31 -8.25 -21.84
O4 NAG E . -2.82 -7.63 -23.66
O5 NAG E . -2.32 -10.55 -22.57
O6 NAG E . -0.44 -10.77 -25.41
O7 NAG E . -2.93 -6.76 -19.19
C1 NAG F . -9.95 3.66 -25.13
C2 NAG F . -10.73 4.96 -24.83
C3 NAG F . -12.15 4.85 -25.22
C4 NAG F . -12.83 3.66 -24.60
C5 NAG F . -12.04 2.34 -24.71
C6 NAG F . -12.35 1.67 -26.01
C7 NAG F . -10.24 6.56 -22.89
C8 NAG F . -10.16 6.84 -21.43
N2 NAG F . -10.66 5.24 -23.38
O1 NAG F . -9.84 3.50 -26.50
O3 NAG F . -12.24 4.75 -26.69
O4 NAG F . -13.05 3.94 -23.21
O5 NAG F . -10.56 2.47 -24.54
O6 NAG F . -12.18 0.26 -25.82
O7 NAG F . -9.96 7.41 -23.68
C1 NAG G . -28.07 9.65 4.60
C2 NAG G . -27.59 9.84 6.06
C3 NAG G . -27.96 8.68 6.90
C4 NAG G . -27.46 7.40 6.35
C5 NAG G . -27.75 7.17 4.86
C6 NAG G . -29.12 6.58 4.69
C7 NAG G . -25.47 10.84 7.06
C8 NAG G . -23.97 10.99 7.08
N2 NAG G . -26.11 9.97 6.07
O1 NAG G . -29.44 9.71 4.57
O3 NAG G . -29.43 8.63 7.04
O4 NAG G . -26.03 7.33 6.55
O5 NAG G . -27.61 8.38 4.00
O6 NAG G . -28.98 5.25 4.16
O7 NAG G . -26.13 11.44 7.85
C1 NAG H . 25.52 2.56 18.93
C2 NAG H . 26.66 3.56 18.68
C3 NAG H . 27.63 3.62 19.79
C4 NAG H . 28.16 2.28 20.16
C5 NAG H . 27.10 1.17 20.31
C6 NAG H . 26.52 1.20 21.68
C7 NAG H . 27.65 4.16 16.40
C8 NAG H . 28.37 3.75 15.14
N2 NAG H . 27.40 3.16 17.44
O1 NAG H . 24.70 3.05 19.92
O3 NAG H . 26.99 4.24 20.96
O4 NAG H . 29.11 1.86 19.15
O5 NAG H . 26.00 1.22 19.30
O6 NAG H . 27.32 0.36 22.53
O7 NAG H . 27.28 5.27 16.53
#